data_4IOX
#
_entry.id   4IOX
#
_cell.length_a   96.944
_cell.length_b   96.944
_cell.length_c   194.034
_cell.angle_alpha   90.00
_cell.angle_beta   90.00
_cell.angle_gamma   90.00
#
_symmetry.space_group_name_H-M   'P 43 21 2'
#
loop_
_entity.id
_entity.type
_entity.pdbx_description
1 polymer 'Tripartite terminase subunit UL15'
2 polymer peptide
3 non-polymer 'TRIETHYLENE GLYCOL'
4 non-polymer DI(HYDROXYETHYL)ETHER
5 non-polymer 'TETRAETHYLENE GLYCOL'
6 non-polymer 'ACETATE ION'
7 water water
#
loop_
_entity_poly.entity_id
_entity_poly.type
_entity_poly.pdbx_seq_one_letter_code
_entity_poly.pdbx_strand_id
1 'polypeptide(L)'
;MGSSHHHHHHSSGLVPRGSHMTGDDRPVLTKSAGERFLLYRPSTTTNSGLMAPDLYVYVDPAFTANTRASGTGVAVVGRY
RDDYIIFALEHFFLRALTGSAPADIARCVVHSLTQVLALHPGAFRGVRVAVEGNSSQDSAVAIATHVHTEMHRLLASEGA
DAGSGPELLFYHCEPPGSAVLYPFFLLNKQKTPAFEHFIKKFNSGGVMASQEIVSATVRLQTDPVEYLLEQLNNLTETVS
PNTDVRTYSGKRNGASDDLMVAVIMAIYLAAQAGPPHTFAPITRVS
;
A,B,C
2 'polypeptide(L)' (UNK)(UNK)(UNK)(UNK)(UNK)(UNK) D
#
loop_
_chem_comp.id
_chem_comp.type
_chem_comp.name
_chem_comp.formula
ACT non-polymer 'ACETATE ION' 'C2 H3 O2 -1'
PEG non-polymer DI(HYDROXYETHYL)ETHER 'C4 H10 O3'
PG4 non-polymer 'TETRAETHYLENE GLYCOL' 'C8 H18 O5'
PGE non-polymer 'TRIETHYLENE GLYCOL' 'C6 H14 O4'
#
# COMPACT_ATOMS: atom_id res chain seq x y z
N PRO A 27 -16.91 -31.21 -12.50
CA PRO A 27 -15.98 -31.26 -11.36
C PRO A 27 -14.60 -31.67 -11.83
N VAL A 28 -14.19 -31.11 -12.97
CA VAL A 28 -12.88 -31.32 -13.57
C VAL A 28 -11.67 -31.09 -12.65
N LEU A 29 -11.69 -29.97 -11.93
CA LEU A 29 -10.64 -29.66 -10.97
C LEU A 29 -11.08 -30.22 -9.61
N THR A 30 -10.18 -30.96 -8.94
CA THR A 30 -10.54 -31.58 -7.65
C THR A 30 -10.72 -30.53 -6.57
N LYS A 31 -11.59 -30.79 -5.60
CA LYS A 31 -11.80 -29.85 -4.51
C LYS A 31 -10.52 -29.66 -3.71
N SER A 32 -9.74 -30.72 -3.58
CA SER A 32 -8.51 -30.68 -2.77
C SER A 32 -7.47 -29.76 -3.39
N ALA A 33 -7.28 -29.84 -4.69
CA ALA A 33 -6.36 -28.92 -5.38
C ALA A 33 -6.89 -27.49 -5.30
N GLY A 34 -8.21 -27.33 -5.40
CA GLY A 34 -8.84 -26.03 -5.29
C GLY A 34 -8.61 -25.37 -3.95
N GLU A 35 -8.67 -26.15 -2.88
CA GLU A 35 -8.48 -25.62 -1.53
C GLU A 35 -7.06 -25.18 -1.33
N ARG A 36 -6.13 -25.97 -1.87
CA ARG A 36 -4.74 -25.62 -1.78
C ARG A 36 -4.41 -24.38 -2.62
N PHE A 37 -5.12 -24.21 -3.75
CA PHE A 37 -4.93 -23.05 -4.61
C PHE A 37 -5.34 -21.79 -3.87
N LEU A 38 -6.44 -21.89 -3.13
CA LEU A 38 -6.92 -20.77 -2.34
C LEU A 38 -5.96 -20.38 -1.19
N LEU A 39 -5.45 -21.38 -0.48
CA LEU A 39 -4.74 -21.21 0.79
C LEU A 39 -3.22 -21.03 0.71
N TYR A 40 -2.56 -21.77 -0.18
CA TYR A 40 -1.11 -21.71 -0.26
C TYR A 40 -0.68 -20.83 -1.41
N ARG A 41 -0.31 -19.60 -1.06
CA ARG A 41 0.07 -18.58 -2.02
C ARG A 41 1.48 -18.11 -1.78
N PRO A 42 2.43 -18.54 -2.62
CA PRO A 42 3.84 -18.17 -2.42
C PRO A 42 3.95 -16.66 -2.40
N SER A 43 4.81 -16.14 -1.53
CA SER A 43 5.09 -14.72 -1.54
C SER A 43 6.14 -14.43 -2.63
N THR A 44 5.69 -13.87 -3.73
CA THR A 44 6.58 -13.63 -4.86
C THR A 44 7.53 -12.43 -4.64
N THR A 45 7.11 -11.46 -3.85
CA THR A 45 7.93 -10.25 -3.66
C THR A 45 9.20 -10.55 -2.89
N THR A 46 9.20 -11.67 -2.17
CA THR A 46 10.33 -12.07 -1.37
C THR A 46 10.98 -13.39 -1.80
N ASN A 47 10.53 -13.95 -2.91
CA ASN A 47 11.16 -15.16 -3.43
C ASN A 47 11.39 -15.01 -4.92
N SER A 48 11.88 -13.83 -5.28
CA SER A 48 11.94 -13.44 -6.68
C SER A 48 12.93 -14.28 -7.43
N GLY A 49 13.93 -14.82 -6.72
CA GLY A 49 14.90 -15.71 -7.34
C GLY A 49 14.29 -16.99 -7.89
N LEU A 50 13.08 -17.32 -7.46
CA LEU A 50 12.41 -18.52 -7.93
C LEU A 50 11.62 -18.28 -9.23
N MET A 51 11.47 -17.01 -9.61
CA MET A 51 10.66 -16.68 -10.78
C MET A 51 11.46 -16.69 -12.09
N ALA A 52 10.79 -17.03 -13.18
CA ALA A 52 11.37 -16.88 -14.50
C ALA A 52 11.33 -15.38 -14.89
N PRO A 53 12.27 -14.92 -15.73
CA PRO A 53 12.31 -13.47 -16.01
C PRO A 53 11.29 -12.99 -17.07
N ASP A 54 10.26 -13.77 -17.33
CA ASP A 54 9.25 -13.39 -18.32
C ASP A 54 7.82 -13.39 -17.74
N LEU A 55 7.04 -12.36 -18.05
CA LEU A 55 5.66 -12.23 -17.63
C LEU A 55 4.83 -12.56 -18.85
N TYR A 56 3.71 -13.23 -18.66
CA TYR A 56 2.83 -13.51 -19.78
C TYR A 56 1.47 -12.98 -19.43
N VAL A 57 0.92 -12.20 -20.34
CA VAL A 57 -0.41 -11.67 -20.12
C VAL A 57 -1.39 -11.98 -21.23
N TYR A 58 -2.58 -12.39 -20.81
CA TYR A 58 -3.62 -12.67 -21.77
C TYR A 58 -4.82 -11.80 -21.47
N VAL A 59 -5.33 -11.11 -22.49
CA VAL A 59 -6.57 -10.38 -22.34
C VAL A 59 -7.67 -10.91 -23.24
N ASP A 60 -8.76 -11.31 -22.58
CA ASP A 60 -9.92 -11.90 -23.23
C ASP A 60 -11.04 -10.87 -23.13
N PRO A 61 -11.15 -10.00 -24.14
CA PRO A 61 -12.05 -8.84 -24.11
C PRO A 61 -13.51 -9.13 -24.44
N ALA A 62 -14.40 -8.37 -23.81
CA ALA A 62 -15.81 -8.33 -24.18
C ALA A 62 -16.12 -6.86 -24.40
N PHE A 63 -16.71 -6.55 -25.55
CA PHE A 63 -16.89 -5.16 -25.95
C PHE A 63 -18.33 -4.65 -25.79
N THR A 64 -19.05 -5.19 -24.82
CA THR A 64 -20.37 -4.68 -24.49
C THR A 64 -20.42 -4.23 -23.03
N ALA A 65 -21.47 -3.50 -22.69
CA ALA A 65 -21.70 -3.06 -21.31
C ALA A 65 -23.08 -3.54 -20.88
N ASN A 66 -23.35 -3.40 -19.58
CA ASN A 66 -24.66 -3.74 -19.01
C ASN A 66 -25.13 -5.16 -19.37
N THR A 67 -24.21 -6.10 -19.21
CA THR A 67 -24.45 -7.54 -19.37
C THR A 67 -23.54 -8.25 -18.38
N ARG A 68 -23.91 -9.46 -17.98
CA ARG A 68 -23.11 -10.23 -17.03
C ARG A 68 -21.93 -10.93 -17.72
N ALA A 69 -22.06 -11.17 -19.02
CA ALA A 69 -20.99 -11.78 -19.82
C ALA A 69 -20.20 -10.71 -20.59
N SER A 70 -20.29 -9.47 -20.12
CA SER A 70 -19.60 -8.37 -20.77
C SER A 70 -18.27 -8.05 -20.09
N GLY A 71 -17.83 -8.94 -19.20
CA GLY A 71 -16.59 -8.73 -18.49
C GLY A 71 -15.37 -9.08 -19.32
N THR A 72 -14.33 -8.27 -19.20
CA THR A 72 -13.06 -8.53 -19.86
C THR A 72 -12.15 -9.21 -18.87
N GLY A 73 -11.58 -10.35 -19.26
CA GLY A 73 -10.68 -11.07 -18.37
C GLY A 73 -9.23 -10.77 -18.69
N VAL A 74 -8.43 -10.56 -17.65
CA VAL A 74 -7.00 -10.30 -17.83
C VAL A 74 -6.24 -11.16 -16.83
N ALA A 75 -5.18 -11.84 -17.28
CA ALA A 75 -4.31 -12.59 -16.36
C ALA A 75 -2.85 -12.30 -16.65
N VAL A 76 -2.05 -12.09 -15.61
CA VAL A 76 -0.62 -12.01 -15.83
C VAL A 76 0.03 -13.05 -14.94
N VAL A 77 0.76 -13.94 -15.59
CA VAL A 77 1.32 -15.11 -14.97
C VAL A 77 2.78 -15.25 -15.34
N GLY A 78 3.49 -16.12 -14.61
CA GLY A 78 4.86 -16.44 -14.92
C GLY A 78 5.27 -17.82 -14.38
N ARG A 79 6.51 -18.22 -14.64
CA ARG A 79 7.00 -19.48 -14.11
C ARG A 79 7.55 -19.22 -12.71
N TYR A 80 7.25 -20.14 -11.81
CA TYR A 80 7.73 -20.10 -10.44
C TYR A 80 8.26 -21.51 -10.17
N ARG A 81 9.55 -21.63 -9.90
CA ARG A 81 10.24 -22.91 -10.06
C ARG A 81 9.79 -23.48 -11.43
N ASP A 82 9.27 -24.70 -11.47
CA ASP A 82 8.74 -25.27 -12.71
C ASP A 82 7.20 -25.23 -12.74
N ASP A 83 6.64 -24.39 -11.89
CA ASP A 83 5.20 -24.29 -11.78
C ASP A 83 4.74 -22.96 -12.36
N TYR A 84 3.45 -22.66 -12.26
CA TYR A 84 2.94 -21.39 -12.77
C TYR A 84 2.22 -20.61 -11.70
N ILE A 85 2.46 -19.31 -11.65
CA ILE A 85 1.93 -18.49 -10.58
C ILE A 85 1.22 -17.30 -11.18
N ILE A 86 0.09 -16.92 -10.60
CA ILE A 86 -0.64 -15.76 -11.10
C ILE A 86 -0.27 -14.51 -10.33
N PHE A 87 0.15 -13.46 -11.04
CA PHE A 87 0.52 -12.19 -10.41
C PHE A 87 -0.62 -11.17 -10.34
N ALA A 88 -1.57 -11.24 -11.28
CA ALA A 88 -2.66 -10.27 -11.36
C ALA A 88 -3.88 -10.85 -12.10
N LEU A 89 -5.06 -10.30 -11.79
CA LEU A 89 -6.34 -10.75 -12.38
C LEU A 89 -7.21 -9.55 -12.52
N GLU A 90 -7.95 -9.47 -13.61
CA GLU A 90 -8.94 -8.41 -13.74
C GLU A 90 -10.20 -8.98 -14.39
N HIS A 91 -11.33 -8.49 -13.93
CA HIS A 91 -12.62 -8.85 -14.48
C HIS A 91 -13.29 -7.53 -14.68
N PHE A 92 -13.10 -6.97 -15.86
CA PHE A 92 -13.31 -5.58 -16.12
C PHE A 92 -14.58 -5.34 -16.90
N PHE A 93 -15.36 -4.35 -16.45
CA PHE A 93 -16.66 -4.06 -17.05
C PHE A 93 -16.72 -2.68 -17.64
N LEU A 94 -16.77 -2.59 -18.96
CA LEU A 94 -16.89 -1.31 -19.67
C LEU A 94 -17.96 -0.41 -19.07
N ARG A 95 -17.66 0.89 -18.94
CA ARG A 95 -18.67 1.89 -18.65
C ARG A 95 -19.52 2.00 -19.92
N ALA A 96 -20.84 2.11 -19.76
CA ALA A 96 -21.74 2.12 -20.93
C ALA A 96 -21.54 3.34 -21.83
N LEU A 97 -21.47 3.08 -23.14
CA LEU A 97 -21.36 4.15 -24.13
C LEU A 97 -20.14 5.05 -23.92
N THR A 98 -19.01 4.47 -23.49
CA THR A 98 -17.72 5.14 -23.61
C THR A 98 -17.36 5.32 -25.08
N GLY A 99 -16.51 6.29 -25.39
CA GLY A 99 -16.07 6.47 -26.75
C GLY A 99 -14.75 5.78 -27.01
N SER A 100 -14.22 5.16 -25.97
CA SER A 100 -12.87 4.60 -25.97
C SER A 100 -12.75 3.25 -25.27
N ALA A 101 -13.62 2.31 -25.60
CA ALA A 101 -13.57 0.99 -24.98
C ALA A 101 -12.20 0.28 -25.05
N PRO A 102 -11.54 0.28 -26.23
CA PRO A 102 -10.21 -0.34 -26.26
C PRO A 102 -9.19 0.32 -25.33
N ALA A 103 -9.19 1.65 -25.27
CA ALA A 103 -8.27 2.35 -24.37
C ALA A 103 -8.64 2.15 -22.88
N ASP A 104 -9.94 1.96 -22.62
CA ASP A 104 -10.38 1.73 -21.24
C ASP A 104 -9.87 0.37 -20.80
N ILE A 105 -10.05 -0.62 -21.67
CA ILE A 105 -9.47 -1.95 -21.44
C ILE A 105 -7.94 -1.86 -21.37
N ALA A 106 -7.31 -1.09 -22.25
CA ALA A 106 -5.85 -1.00 -22.23
C ALA A 106 -5.38 -0.37 -20.95
N ARG A 107 -6.08 0.68 -20.51
CA ARG A 107 -5.69 1.34 -19.27
C ARG A 107 -5.83 0.37 -18.11
N CYS A 108 -6.81 -0.52 -18.18
CA CYS A 108 -6.97 -1.49 -17.12
C CYS A 108 -5.79 -2.43 -17.08
N VAL A 109 -5.40 -2.98 -18.24
CA VAL A 109 -4.29 -3.94 -18.22
C VAL A 109 -2.94 -3.31 -17.89
N VAL A 110 -2.72 -2.09 -18.37
CA VAL A 110 -1.49 -1.36 -18.08
C VAL A 110 -1.35 -1.07 -16.59
N HIS A 111 -2.45 -0.72 -15.95
CA HIS A 111 -2.44 -0.44 -14.52
C HIS A 111 -2.07 -1.71 -13.74
N SER A 112 -2.62 -2.85 -14.16
CA SER A 112 -2.30 -4.14 -13.55
C SER A 112 -0.83 -4.51 -13.68
N LEU A 113 -0.31 -4.39 -14.90
CA LEU A 113 1.08 -4.69 -15.19
C LEU A 113 2.04 -3.87 -14.35
N THR A 114 1.75 -2.58 -14.31
CA THR A 114 2.57 -1.62 -13.60
C THR A 114 2.71 -2.02 -12.16
N GLN A 115 1.58 -2.35 -11.54
CA GLN A 115 1.59 -2.75 -10.16
C GLN A 115 2.42 -4.01 -9.99
N VAL A 116 2.28 -4.97 -10.91
CA VAL A 116 3.08 -6.19 -10.82
C VAL A 116 4.57 -5.88 -10.98
N LEU A 117 4.90 -5.04 -11.94
CA LEU A 117 6.28 -4.60 -12.14
C LEU A 117 6.86 -3.89 -10.91
N ALA A 118 6.11 -2.97 -10.31
CA ALA A 118 6.55 -2.25 -9.12
C ALA A 118 6.75 -3.12 -7.87
N LEU A 119 5.93 -4.15 -7.75
CA LEU A 119 6.04 -5.12 -6.66
C LEU A 119 7.27 -6.03 -6.81
N HIS A 120 7.80 -6.20 -8.02
CA HIS A 120 8.96 -7.07 -8.23
C HIS A 120 10.01 -6.37 -9.11
N PRO A 121 10.61 -5.26 -8.61
CA PRO A 121 11.46 -4.45 -9.49
C PRO A 121 12.72 -5.15 -9.98
N GLY A 122 12.98 -5.04 -11.27
CA GLY A 122 14.14 -5.66 -11.88
C GLY A 122 14.03 -7.15 -12.12
N ALA A 123 12.90 -7.75 -11.75
CA ALA A 123 12.70 -9.19 -11.93
C ALA A 123 12.51 -9.59 -13.38
N PHE A 124 11.81 -8.79 -14.15
CA PHE A 124 11.38 -9.19 -15.49
C PHE A 124 12.13 -8.51 -16.67
N ARG A 125 12.63 -9.34 -17.60
CA ARG A 125 13.30 -8.85 -18.80
C ARG A 125 12.32 -8.69 -19.93
N GLY A 126 11.23 -9.46 -19.88
CA GLY A 126 10.24 -9.45 -20.92
C GLY A 126 8.82 -9.59 -20.42
N VAL A 127 7.91 -8.87 -21.05
CA VAL A 127 6.51 -9.15 -20.87
C VAL A 127 5.91 -9.38 -22.24
N ARG A 128 5.19 -10.48 -22.35
CA ARG A 128 4.60 -10.92 -23.59
C ARG A 128 3.09 -10.87 -23.45
N VAL A 129 2.45 -10.16 -24.37
CA VAL A 129 1.04 -9.84 -24.25
C VAL A 129 0.25 -10.41 -25.41
N ALA A 130 -0.81 -11.14 -25.09
CA ALA A 130 -1.75 -11.67 -26.07
C ALA A 130 -3.14 -11.09 -25.83
N VAL A 131 -3.70 -10.50 -26.88
CA VAL A 131 -5.06 -9.95 -26.85
C VAL A 131 -5.96 -10.81 -27.72
N GLU A 132 -6.91 -11.53 -27.11
CA GLU A 132 -7.75 -12.42 -27.89
C GLU A 132 -8.57 -11.62 -28.89
N GLY A 133 -8.60 -12.07 -30.14
CA GLY A 133 -9.23 -11.32 -31.21
C GLY A 133 -10.48 -11.95 -31.78
N ASN A 134 -10.94 -13.05 -31.18
CA ASN A 134 -12.12 -13.78 -31.66
C ASN A 134 -13.34 -12.89 -31.77
N SER A 135 -13.51 -12.00 -30.81
CA SER A 135 -14.65 -11.10 -30.73
C SER A 135 -14.55 -10.05 -31.86
N SER A 136 -13.46 -9.30 -31.87
CA SER A 136 -13.23 -8.32 -32.91
C SER A 136 -11.73 -8.17 -33.14
N GLN A 137 -11.27 -8.38 -34.35
CA GLN A 137 -9.84 -8.29 -34.62
C GLN A 137 -9.37 -6.85 -34.49
N ASP A 138 -10.13 -5.94 -35.08
CA ASP A 138 -9.84 -4.52 -35.04
C ASP A 138 -9.82 -3.98 -33.61
N SER A 139 -10.81 -4.37 -32.82
CA SER A 139 -10.88 -3.92 -31.43
C SER A 139 -9.73 -4.50 -30.62
N ALA A 140 -9.36 -5.76 -30.90
CA ALA A 140 -8.19 -6.38 -30.25
C ALA A 140 -6.91 -5.66 -30.64
N VAL A 141 -6.77 -5.31 -31.91
CA VAL A 141 -5.61 -4.57 -32.37
C VAL A 141 -5.54 -3.21 -31.66
N ALA A 142 -6.68 -2.54 -31.54
CA ALA A 142 -6.73 -1.24 -30.87
C ALA A 142 -6.28 -1.33 -29.41
N ILE A 143 -6.69 -2.38 -28.73
CA ILE A 143 -6.24 -2.61 -27.35
C ILE A 143 -4.73 -2.77 -27.30
N ALA A 144 -4.19 -3.62 -28.18
CA ALA A 144 -2.74 -3.83 -28.23
C ALA A 144 -2.03 -2.51 -28.52
N THR A 145 -2.57 -1.72 -29.44
CA THR A 145 -1.94 -0.44 -29.76
C THR A 145 -1.91 0.49 -28.54
N HIS A 146 -3.02 0.63 -27.83
CA HIS A 146 -3.02 1.42 -26.59
C HIS A 146 -2.12 0.87 -25.51
N VAL A 147 -2.07 -0.45 -25.34
CA VAL A 147 -1.16 -1.05 -24.37
C VAL A 147 0.28 -0.70 -24.75
N HIS A 148 0.59 -0.87 -26.04
CA HIS A 148 1.88 -0.57 -26.66
C HIS A 148 2.31 0.86 -26.33
N THR A 149 1.42 1.80 -26.59
CA THR A 149 1.73 3.20 -26.39
C THR A 149 1.85 3.60 -24.93
N GLU A 150 0.93 3.13 -24.10
CA GLU A 150 0.93 3.50 -22.70
C GLU A 150 2.12 2.93 -21.94
N MET A 151 2.49 1.71 -22.31
CA MET A 151 3.62 1.04 -21.69
C MET A 151 4.93 1.75 -22.05
N HIS A 152 4.90 2.57 -23.10
CA HIS A 152 6.10 3.28 -23.56
C HIS A 152 6.60 4.27 -22.50
N ARG A 153 5.73 4.59 -21.55
CA ARG A 153 6.15 5.26 -20.32
C ARG A 153 6.36 4.21 -19.20
N GLY A 165 15.28 -1.86 -18.98
CA GLY A 165 13.97 -2.22 -18.48
C GLY A 165 13.40 -3.39 -19.26
N PRO A 166 12.21 -3.85 -18.87
CA PRO A 166 11.58 -5.00 -19.53
C PRO A 166 11.11 -4.69 -20.96
N GLU A 167 11.40 -5.58 -21.90
CA GLU A 167 10.91 -5.39 -23.25
C GLU A 167 9.48 -5.91 -23.40
N LEU A 168 8.66 -5.19 -24.15
CA LEU A 168 7.26 -5.54 -24.34
C LEU A 168 7.04 -6.16 -25.69
N LEU A 169 6.54 -7.40 -25.72
CA LEU A 169 6.27 -8.10 -26.97
C LEU A 169 4.82 -8.48 -27.04
N PHE A 170 4.28 -8.53 -28.25
CA PHE A 170 2.91 -8.98 -28.47
C PHE A 170 2.90 -10.28 -29.25
N TYR A 171 1.96 -11.15 -28.91
CA TYR A 171 1.71 -12.29 -29.78
C TYR A 171 1.09 -11.78 -31.06
N HIS A 172 1.54 -12.33 -32.18
CA HIS A 172 1.06 -11.90 -33.47
C HIS A 172 0.39 -13.05 -34.19
N CYS A 173 -0.51 -12.73 -35.09
CA CYS A 173 -1.29 -13.74 -35.78
C CYS A 173 -1.37 -13.34 -37.23
N GLU A 174 -1.15 -14.32 -38.08
CA GLU A 174 -1.31 -14.15 -39.52
C GLU A 174 -2.61 -14.84 -39.87
N PRO A 175 -3.69 -14.07 -40.00
CA PRO A 175 -5.01 -14.68 -40.26
C PRO A 175 -4.96 -15.42 -41.58
N PRO A 176 -5.81 -16.46 -41.74
CA PRO A 176 -5.87 -17.27 -42.96
C PRO A 176 -6.06 -16.45 -44.23
N GLY A 177 -5.25 -16.74 -45.24
CA GLY A 177 -5.26 -15.99 -46.49
C GLY A 177 -4.53 -14.65 -46.44
N SER A 178 -3.95 -14.33 -45.29
CA SER A 178 -3.28 -13.06 -45.12
C SER A 178 -1.77 -13.22 -44.96
N ALA A 179 -1.04 -12.16 -45.26
CA ALA A 179 0.41 -12.13 -45.03
C ALA A 179 0.72 -11.15 -43.90
N VAL A 180 -0.31 -10.57 -43.29
CA VAL A 180 -0.12 -9.56 -42.27
C VAL A 180 -0.01 -10.20 -40.89
N LEU A 181 0.89 -9.68 -40.07
CA LEU A 181 1.02 -10.14 -38.67
C LEU A 181 0.39 -9.16 -37.71
N TYR A 182 -0.79 -9.50 -37.23
CA TYR A 182 -1.56 -8.64 -36.33
C TYR A 182 -1.27 -8.97 -34.89
N PRO A 183 -1.28 -7.94 -34.02
CA PRO A 183 -1.01 -8.17 -32.59
C PRO A 183 -2.26 -8.59 -31.87
N PHE A 184 -2.86 -9.68 -32.34
CA PHE A 184 -3.92 -10.33 -31.58
C PHE A 184 -3.70 -11.82 -31.63
N PHE A 185 -4.44 -12.52 -30.78
CA PHE A 185 -4.35 -13.97 -30.67
C PHE A 185 -5.71 -14.55 -31.03
N LEU A 186 -5.72 -15.55 -31.91
CA LEU A 186 -6.97 -16.21 -32.26
C LEU A 186 -7.07 -17.58 -31.56
N LEU A 187 -8.12 -17.74 -30.76
CA LEU A 187 -8.29 -18.93 -29.94
C LEU A 187 -9.12 -19.94 -30.69
N ASN A 188 -8.49 -21.05 -31.07
CA ASN A 188 -9.22 -22.11 -31.74
C ASN A 188 -8.70 -23.49 -31.38
N LYS A 189 -7.75 -23.98 -32.17
CA LYS A 189 -7.28 -25.34 -32.04
C LYS A 189 -6.48 -25.53 -30.78
N GLN A 190 -6.00 -24.44 -30.21
CA GLN A 190 -5.11 -24.56 -29.07
C GLN A 190 -5.88 -24.57 -27.74
N LYS A 191 -7.18 -24.36 -27.79
CA LYS A 191 -8.00 -24.35 -26.58
C LYS A 191 -7.99 -25.68 -25.84
N THR A 192 -8.26 -26.77 -26.55
CA THR A 192 -8.30 -28.08 -25.91
C THR A 192 -6.97 -28.51 -25.29
N PRO A 193 -5.83 -28.35 -26.02
CA PRO A 193 -4.55 -28.63 -25.35
C PRO A 193 -4.28 -27.73 -24.13
N ALA A 194 -4.56 -26.44 -24.24
CA ALA A 194 -4.36 -25.49 -23.14
C ALA A 194 -5.14 -25.91 -21.88
N PHE A 195 -6.41 -26.28 -22.07
CA PHE A 195 -7.28 -26.67 -20.95
C PHE A 195 -6.87 -27.98 -20.33
N GLU A 196 -6.51 -28.90 -21.19
CA GLU A 196 -6.07 -30.21 -20.78
C GLU A 196 -4.79 -30.10 -19.93
N HIS A 197 -3.83 -29.30 -20.37
CA HIS A 197 -2.59 -29.14 -19.62
C HIS A 197 -2.84 -28.44 -18.29
N PHE A 198 -3.71 -27.43 -18.30
CA PHE A 198 -4.02 -26.67 -17.10
C PHE A 198 -4.60 -27.57 -16.01
N ILE A 199 -5.60 -28.35 -16.40
CA ILE A 199 -6.30 -29.24 -15.50
C ILE A 199 -5.32 -30.21 -14.83
N LYS A 200 -4.45 -30.81 -15.63
CA LYS A 200 -3.42 -31.67 -15.09
C LYS A 200 -2.47 -30.93 -14.13
N LYS A 201 -2.03 -29.74 -14.52
CA LYS A 201 -1.11 -28.97 -13.67
C LYS A 201 -1.78 -28.50 -12.39
N PHE A 202 -2.98 -27.96 -12.52
CA PHE A 202 -3.72 -27.45 -11.39
C PHE A 202 -3.98 -28.56 -10.36
N ASN A 203 -4.42 -29.72 -10.84
CA ASN A 203 -4.77 -30.83 -9.95
C ASN A 203 -3.57 -31.43 -9.19
N SER A 204 -2.37 -31.25 -9.71
CA SER A 204 -1.18 -31.81 -9.07
C SER A 204 -0.45 -30.81 -8.17
N GLY A 205 -1.03 -29.62 -8.02
CA GLY A 205 -0.50 -28.56 -7.19
C GLY A 205 0.45 -27.60 -7.90
N GLY A 206 0.46 -27.62 -9.24
CA GLY A 206 1.43 -26.86 -10.02
C GLY A 206 1.00 -25.48 -10.48
N VAL A 207 -0.23 -25.07 -10.17
CA VAL A 207 -0.59 -23.67 -10.37
C VAL A 207 -1.05 -22.96 -9.11
N MET A 208 -0.51 -21.78 -8.89
CA MET A 208 -0.81 -21.05 -7.67
C MET A 208 -0.95 -19.57 -7.91
N ALA A 209 -1.36 -18.89 -6.85
CA ALA A 209 -1.53 -17.46 -6.90
C ALA A 209 -0.49 -16.80 -6.01
N SER A 210 -0.02 -15.65 -6.44
CA SER A 210 0.87 -14.88 -5.62
C SER A 210 0.15 -14.41 -4.34
N GLN A 211 0.84 -14.49 -3.21
CA GLN A 211 0.33 -13.90 -1.97
C GLN A 211 0.04 -12.42 -2.14
N GLU A 212 0.77 -11.74 -3.01
CA GLU A 212 0.49 -10.33 -3.24
C GLU A 212 -0.06 -10.08 -4.65
N ILE A 213 -0.96 -10.96 -5.07
CA ILE A 213 -1.69 -10.88 -6.31
C ILE A 213 -2.42 -9.55 -6.43
N VAL A 214 -2.42 -9.00 -7.62
CA VAL A 214 -2.95 -7.68 -7.87
C VAL A 214 -4.32 -7.78 -8.55
N SER A 215 -5.28 -7.01 -8.08
CA SER A 215 -6.52 -6.82 -8.80
C SER A 215 -7.26 -5.55 -8.38
N ALA A 216 -7.39 -4.64 -9.33
CA ALA A 216 -8.18 -3.42 -9.14
C ALA A 216 -9.67 -3.68 -9.29
N THR A 217 -10.06 -4.59 -10.17
CA THR A 217 -11.49 -4.77 -10.46
C THR A 217 -12.16 -5.76 -9.53
N VAL A 218 -11.41 -6.71 -8.98
CA VAL A 218 -11.98 -7.63 -8.01
C VAL A 218 -11.29 -7.45 -6.68
N ARG A 219 -11.71 -6.44 -5.92
CA ARG A 219 -11.10 -6.18 -4.61
C ARG A 219 -12.08 -5.88 -3.48
N LEU A 220 -13.13 -5.10 -3.74
CA LEU A 220 -14.06 -4.75 -2.67
C LEU A 220 -15.08 -5.84 -2.31
N GLN A 221 -15.66 -6.51 -3.30
CA GLN A 221 -16.71 -7.51 -3.03
C GLN A 221 -16.21 -8.93 -2.70
N THR A 222 -15.11 -9.38 -3.33
CA THR A 222 -14.68 -10.76 -3.15
C THR A 222 -13.17 -10.88 -3.34
N ASP A 223 -12.57 -11.92 -2.77
CA ASP A 223 -11.15 -12.18 -2.93
C ASP A 223 -10.91 -12.69 -4.35
N PRO A 224 -9.90 -12.14 -5.04
CA PRO A 224 -9.71 -12.40 -6.48
C PRO A 224 -9.45 -13.87 -6.75
N VAL A 225 -8.66 -14.49 -5.89
CA VAL A 225 -8.38 -15.91 -6.03
C VAL A 225 -9.65 -16.74 -5.78
N GLU A 226 -10.40 -16.37 -4.75
CA GLU A 226 -11.68 -17.00 -4.50
C GLU A 226 -12.63 -16.82 -5.68
N TYR A 227 -12.62 -15.64 -6.28
CA TYR A 227 -13.48 -15.39 -7.43
C TYR A 227 -13.10 -16.22 -8.67
N LEU A 228 -11.81 -16.27 -8.97
CA LEU A 228 -11.29 -17.08 -10.05
C LEU A 228 -11.69 -18.54 -9.87
N LEU A 229 -11.55 -19.04 -8.64
CA LEU A 229 -11.83 -20.43 -8.33
C LEU A 229 -13.32 -20.77 -8.55
N GLU A 230 -14.21 -19.82 -8.29
CA GLU A 230 -15.62 -20.01 -8.55
C GLU A 230 -15.85 -20.18 -10.06
N GLN A 231 -15.16 -19.41 -10.88
CA GLN A 231 -15.26 -19.60 -12.33
C GLN A 231 -14.64 -20.93 -12.75
N LEU A 232 -13.46 -21.24 -12.22
CA LEU A 232 -12.79 -22.50 -12.57
C LEU A 232 -13.62 -23.74 -12.23
N ASN A 233 -14.41 -23.67 -11.17
CA ASN A 233 -15.22 -24.81 -10.74
C ASN A 233 -16.44 -25.03 -11.63
N ASN A 234 -16.53 -24.28 -12.72
CA ASN A 234 -17.54 -24.49 -13.73
C ASN A 234 -17.04 -25.39 -14.87
N LEU A 235 -15.76 -25.72 -14.85
CA LEU A 235 -15.20 -26.61 -15.86
C LEU A 235 -15.90 -27.96 -15.85
N THR A 236 -16.27 -28.45 -17.03
CA THR A 236 -16.82 -29.81 -17.17
C THR A 236 -16.39 -30.51 -18.46
N SER A 256 -20.19 -16.84 -17.54
CA SER A 256 -19.07 -15.89 -17.68
C SER A 256 -17.72 -16.59 -17.47
N ASP A 257 -16.92 -16.69 -18.53
CA ASP A 257 -15.68 -17.45 -18.45
C ASP A 257 -14.41 -16.70 -18.90
N ASP A 258 -14.50 -15.38 -19.04
CA ASP A 258 -13.39 -14.53 -19.49
C ASP A 258 -12.13 -14.63 -18.63
N LEU A 259 -12.31 -14.72 -17.31
CA LEU A 259 -11.18 -14.79 -16.38
C LEU A 259 -10.50 -16.15 -16.43
N MET A 260 -11.33 -17.18 -16.46
CA MET A 260 -10.86 -18.54 -16.52
C MET A 260 -10.07 -18.76 -17.82
N VAL A 261 -10.61 -18.25 -18.91
CA VAL A 261 -9.98 -18.39 -20.22
C VAL A 261 -8.66 -17.63 -20.26
N ALA A 262 -8.64 -16.41 -19.75
CA ALA A 262 -7.40 -15.61 -19.70
C ALA A 262 -6.33 -16.30 -18.87
N VAL A 263 -6.72 -16.86 -17.73
CA VAL A 263 -5.77 -17.52 -16.85
C VAL A 263 -5.22 -18.77 -17.47
N ILE A 264 -6.11 -19.61 -18.02
CA ILE A 264 -5.69 -20.85 -18.64
C ILE A 264 -4.80 -20.62 -19.86
N MET A 265 -5.16 -19.61 -20.67
CA MET A 265 -4.38 -19.24 -21.86
C MET A 265 -3.09 -18.50 -21.55
N ALA A 266 -3.08 -17.64 -20.52
CA ALA A 266 -1.82 -16.99 -20.17
C ALA A 266 -0.81 -18.05 -19.77
N ILE A 267 -1.27 -19.03 -18.98
CA ILE A 267 -0.41 -20.13 -18.54
C ILE A 267 0.05 -21.00 -19.71
N TYR A 268 -0.86 -21.30 -20.64
CA TYR A 268 -0.50 -22.08 -21.82
C TYR A 268 0.64 -21.40 -22.58
N LEU A 269 0.56 -20.09 -22.73
CA LEU A 269 1.62 -19.30 -23.37
C LEU A 269 2.94 -19.37 -22.59
N ALA A 270 2.89 -19.27 -21.26
CA ALA A 270 4.09 -19.41 -20.47
C ALA A 270 4.67 -20.81 -20.59
N ALA A 271 3.79 -21.80 -20.75
CA ALA A 271 4.18 -23.20 -20.78
C ALA A 271 5.01 -23.61 -21.99
N GLN A 272 5.21 -22.69 -22.93
CA GLN A 272 6.19 -22.91 -24.00
C GLN A 272 7.39 -22.02 -23.70
N ALA A 273 8.50 -22.63 -23.26
CA ALA A 273 9.28 -22.05 -22.15
C ALA A 273 10.80 -22.12 -22.23
N GLY A 274 11.46 -21.53 -21.24
CA GLY A 274 12.90 -21.63 -21.16
C GLY A 274 13.47 -21.62 -19.75
N PRO A 275 14.81 -21.59 -19.66
CA PRO A 275 15.59 -22.06 -18.51
C PRO A 275 16.37 -21.06 -17.63
N PRO A 276 16.17 -19.72 -17.76
CA PRO A 276 16.85 -19.02 -16.66
C PRO A 276 15.90 -18.58 -15.55
N HIS A 277 16.47 -17.96 -14.54
CA HIS A 277 15.75 -17.52 -13.35
C HIS A 277 15.90 -16.01 -13.19
N THR A 278 14.94 -15.38 -12.51
CA THR A 278 15.08 -13.98 -12.11
C THR A 278 16.22 -13.90 -11.08
N PHE A 279 16.87 -12.74 -11.01
CA PHE A 279 17.95 -12.57 -10.07
C PHE A 279 17.48 -12.63 -8.60
N ALA A 280 18.35 -13.08 -7.71
CA ALA A 280 18.09 -13.03 -6.26
C ALA A 280 18.58 -11.72 -5.60
N PRO A 281 17.64 -10.86 -5.16
CA PRO A 281 17.97 -9.73 -4.30
C PRO A 281 17.29 -9.88 -2.95
N VAL B 28 37.11 -1.63 -3.98
CA VAL B 28 36.92 -0.87 -2.75
C VAL B 28 35.90 -1.47 -1.79
N LEU B 29 34.69 -1.73 -2.28
CA LEU B 29 33.70 -2.46 -1.49
C LEU B 29 33.77 -3.92 -1.88
N THR B 30 33.88 -4.79 -0.87
CA THR B 30 34.03 -6.22 -1.08
C THR B 30 32.79 -6.80 -1.72
N LYS B 31 32.93 -7.86 -2.52
CA LYS B 31 31.78 -8.52 -3.10
C LYS B 31 30.90 -9.09 -1.96
N SER B 32 31.56 -9.51 -0.89
CA SER B 32 30.92 -10.15 0.24
C SER B 32 29.98 -9.23 1.00
N ALA B 33 30.41 -8.01 1.28
CA ALA B 33 29.55 -7.02 1.97
C ALA B 33 28.42 -6.56 1.05
N GLY B 34 28.72 -6.45 -0.23
CA GLY B 34 27.74 -6.07 -1.23
C GLY B 34 26.59 -7.04 -1.34
N GLU B 35 26.86 -8.33 -1.28
CA GLU B 35 25.77 -9.31 -1.36
C GLU B 35 24.89 -9.22 -0.11
N ARG B 36 25.52 -9.07 1.05
CA ARG B 36 24.79 -8.93 2.33
C ARG B 36 23.99 -7.64 2.39
N PHE B 37 24.47 -6.60 1.72
CA PHE B 37 23.77 -5.33 1.61
C PHE B 37 22.49 -5.56 0.84
N LEU B 38 22.61 -6.35 -0.23
CA LEU B 38 21.50 -6.66 -1.12
C LEU B 38 20.44 -7.53 -0.44
N LEU B 39 20.91 -8.55 0.27
CA LEU B 39 20.05 -9.62 0.77
C LEU B 39 19.48 -9.36 2.18
N TYR B 40 20.27 -8.76 3.07
CA TYR B 40 19.82 -8.56 4.44
C TYR B 40 19.37 -7.14 4.69
N ARG B 41 18.06 -6.94 4.64
CA ARG B 41 17.48 -5.62 4.75
C ARG B 41 16.54 -5.60 5.93
N PRO B 42 16.95 -5.01 7.04
CA PRO B 42 16.12 -4.98 8.24
C PRO B 42 14.78 -4.35 7.95
N SER B 43 13.73 -4.89 8.53
CA SER B 43 12.42 -4.28 8.46
C SER B 43 12.30 -3.19 9.51
N THR B 44 12.41 -1.94 9.08
CA THR B 44 12.34 -0.83 10.00
C THR B 44 10.91 -0.57 10.50
N THR B 45 9.91 -0.94 9.72
CA THR B 45 8.52 -0.68 10.12
C THR B 45 8.07 -1.54 11.29
N THR B 46 8.75 -2.65 11.52
CA THR B 46 8.36 -3.53 12.62
C THR B 46 9.45 -3.60 13.69
N ASN B 47 10.49 -2.79 13.53
CA ASN B 47 11.58 -2.72 14.50
C ASN B 47 11.96 -1.29 14.79
N SER B 48 10.96 -0.45 14.97
CA SER B 48 11.18 0.99 15.03
C SER B 48 11.92 1.39 16.30
N GLY B 49 11.84 0.55 17.32
CA GLY B 49 12.54 0.78 18.56
C GLY B 49 14.06 0.80 18.44
N LEU B 50 14.61 0.23 17.37
CA LEU B 50 16.05 0.19 17.18
C LEU B 50 16.61 1.45 16.48
N MET B 51 15.72 2.30 15.97
CA MET B 51 16.14 3.47 15.21
C MET B 51 16.39 4.70 16.11
N ALA B 52 17.31 5.56 15.68
CA ALA B 52 17.46 6.85 16.32
C ALA B 52 16.28 7.68 15.82
N PRO B 53 15.84 8.62 16.64
CA PRO B 53 14.64 9.39 16.29
C PRO B 53 14.97 10.56 15.33
N ASP B 54 16.11 10.52 14.64
CA ASP B 54 16.52 11.59 13.72
C ASP B 54 16.79 11.08 12.30
N LEU B 55 16.26 11.79 11.31
CA LEU B 55 16.46 11.47 9.91
C LEU B 55 17.43 12.47 9.31
N TYR B 56 18.29 11.99 8.42
CA TYR B 56 19.23 12.84 7.73
C TYR B 56 19.04 12.67 6.25
N VAL B 57 18.83 13.78 5.55
CA VAL B 57 18.66 13.74 4.10
C VAL B 57 19.64 14.65 3.38
N TYR B 58 20.25 14.08 2.36
CA TYR B 58 21.21 14.81 1.56
C TYR B 58 20.69 14.79 0.13
N VAL B 59 20.57 15.97 -0.46
CA VAL B 59 20.21 16.08 -1.84
C VAL B 59 21.33 16.68 -2.68
N ASP B 60 21.73 15.93 -3.70
CA ASP B 60 22.87 16.32 -4.52
C ASP B 60 22.39 16.69 -5.91
N PRO B 61 22.06 17.97 -6.14
CA PRO B 61 21.46 18.29 -7.43
C PRO B 61 22.51 18.48 -8.53
N ALA B 62 22.22 17.99 -9.74
CA ALA B 62 23.05 18.28 -10.90
C ALA B 62 22.18 18.74 -12.06
N GLY B 71 21.80 13.92 -13.34
CA GLY B 71 20.91 13.31 -12.38
C GLY B 71 21.00 13.93 -10.98
N THR B 72 19.86 14.06 -10.31
CA THR B 72 19.85 14.54 -8.92
C THR B 72 19.73 13.37 -7.95
N GLY B 73 20.65 13.27 -6.99
CA GLY B 73 20.61 12.22 -5.99
C GLY B 73 20.05 12.66 -4.65
N VAL B 74 19.21 11.82 -4.06
CA VAL B 74 18.61 12.07 -2.75
C VAL B 74 18.74 10.82 -1.90
N ALA B 75 19.19 10.97 -0.65
CA ALA B 75 19.21 9.84 0.29
C ALA B 75 18.62 10.28 1.62
N VAL B 76 17.82 9.40 2.22
CA VAL B 76 17.24 9.62 3.52
C VAL B 76 17.73 8.48 4.40
N VAL B 77 18.51 8.79 5.45
CA VAL B 77 19.14 7.74 6.25
C VAL B 77 18.99 8.00 7.74
N GLY B 78 19.26 6.97 8.54
CA GLY B 78 19.19 7.12 9.98
C GLY B 78 20.04 6.09 10.70
N ARG B 79 20.06 6.19 12.03
CA ARG B 79 20.80 5.22 12.80
C ARG B 79 19.89 4.05 13.11
N TYR B 80 20.45 2.85 13.00
CA TYR B 80 19.76 1.63 13.33
C TYR B 80 20.70 0.79 14.19
N ARG B 81 20.29 0.52 15.43
CA ARG B 81 21.22 0.16 16.49
C ARG B 81 22.38 1.18 16.40
N ASP B 82 23.64 0.74 16.31
CA ASP B 82 24.75 1.68 16.17
C ASP B 82 25.24 1.73 14.73
N ASP B 83 24.39 1.24 13.83
CA ASP B 83 24.69 1.17 12.40
C ASP B 83 23.89 2.20 11.64
N TYR B 84 24.02 2.20 10.31
CA TYR B 84 23.27 3.13 9.46
C TYR B 84 22.40 2.44 8.42
N ILE B 85 21.17 2.94 8.28
CA ILE B 85 20.19 2.32 7.40
C ILE B 85 19.59 3.37 6.45
N ILE B 86 19.39 2.96 5.20
CA ILE B 86 18.82 3.83 4.15
C ILE B 86 17.33 3.59 4.04
N PHE B 87 16.54 4.67 4.22
CA PHE B 87 15.08 4.63 4.12
C PHE B 87 14.52 4.98 2.73
N ALA B 88 15.26 5.79 1.97
CA ALA B 88 14.75 6.25 0.70
C ALA B 88 15.87 6.65 -0.23
N LEU B 89 15.61 6.52 -1.52
CA LEU B 89 16.58 6.82 -2.55
C LEU B 89 15.83 7.43 -3.72
N GLU B 90 16.45 8.43 -4.34
CA GLU B 90 15.94 9.00 -5.54
C GLU B 90 17.11 9.30 -6.43
N HIS B 91 16.91 9.03 -7.71
CA HIS B 91 17.82 9.34 -8.78
C HIS B 91 16.91 9.98 -9.83
N PHE B 92 16.82 11.31 -9.74
CA PHE B 92 15.78 12.14 -10.35
C PHE B 92 16.39 12.93 -11.53
N PHE B 93 15.68 13.07 -12.65
CA PHE B 93 16.31 13.70 -13.82
C PHE B 93 15.80 15.02 -14.45
N LEU B 94 14.61 15.51 -14.10
CA LEU B 94 14.04 16.75 -14.69
C LEU B 94 13.72 16.55 -16.17
N GLY B 99 11.12 25.27 -16.76
CA GLY B 99 10.32 25.98 -15.76
C GLY B 99 11.04 26.11 -14.44
N SER B 100 10.53 25.43 -13.42
CA SER B 100 11.08 25.56 -12.07
C SER B 100 11.74 24.26 -11.62
N ALA B 101 12.98 24.10 -12.06
CA ALA B 101 13.79 22.95 -11.67
C ALA B 101 13.93 22.78 -10.13
N PRO B 102 14.15 23.88 -9.38
CA PRO B 102 14.28 23.72 -7.92
C PRO B 102 13.04 23.16 -7.24
N ALA B 103 11.87 23.64 -7.64
CA ALA B 103 10.63 23.19 -7.06
C ALA B 103 10.35 21.72 -7.45
N ASP B 104 10.86 21.30 -8.60
CA ASP B 104 10.69 19.92 -9.05
C ASP B 104 11.53 18.98 -8.20
N ILE B 105 12.79 19.36 -7.97
CA ILE B 105 13.65 18.59 -7.10
C ILE B 105 13.04 18.53 -5.69
N ALA B 106 12.55 19.66 -5.18
CA ALA B 106 11.98 19.70 -3.84
C ALA B 106 10.74 18.82 -3.67
N ARG B 107 9.85 18.84 -4.65
CA ARG B 107 8.64 18.02 -4.57
C ARG B 107 9.00 16.55 -4.56
N CYS B 108 10.07 16.20 -5.24
CA CYS B 108 10.53 14.82 -5.22
C CYS B 108 11.02 14.43 -3.81
N VAL B 109 11.87 15.24 -3.18
CA VAL B 109 12.37 14.89 -1.84
C VAL B 109 11.27 14.93 -0.78
N VAL B 110 10.36 15.89 -0.89
CA VAL B 110 9.23 15.99 0.04
C VAL B 110 8.35 14.73 -0.10
N HIS B 111 8.15 14.27 -1.32
CA HIS B 111 7.39 13.04 -1.54
C HIS B 111 8.05 11.82 -0.90
N SER B 112 9.37 11.70 -1.08
CA SER B 112 10.15 10.63 -0.47
C SER B 112 10.11 10.69 1.05
N LEU B 113 10.36 11.88 1.58
CA LEU B 113 10.39 12.11 3.03
C LEU B 113 9.04 11.77 3.67
N THR B 114 7.97 12.25 3.04
CA THR B 114 6.60 12.01 3.49
C THR B 114 6.31 10.52 3.58
N GLN B 115 6.70 9.80 2.55
CA GLN B 115 6.52 8.35 2.55
C GLN B 115 7.30 7.69 3.69
N VAL B 116 8.53 8.13 3.94
CA VAL B 116 9.32 7.55 5.03
C VAL B 116 8.65 7.81 6.38
N LEU B 117 8.22 9.07 6.60
CA LEU B 117 7.50 9.43 7.83
C LEU B 117 6.20 8.60 8.02
N ALA B 118 5.42 8.45 6.96
CA ALA B 118 4.18 7.67 6.99
C ALA B 118 4.42 6.17 7.25
N LEU B 119 5.54 5.63 6.78
CA LEU B 119 5.86 4.22 7.05
C LEU B 119 6.27 3.98 8.49
N HIS B 120 6.75 5.02 9.17
CA HIS B 120 7.21 4.89 10.55
C HIS B 120 6.61 6.00 11.43
N PRO B 121 5.29 5.99 11.63
CA PRO B 121 4.66 7.14 12.30
C PRO B 121 5.07 7.33 13.78
N GLY B 122 5.40 8.57 14.16
CA GLY B 122 5.80 8.90 15.51
C GLY B 122 7.22 8.49 15.84
N ALA B 123 7.89 7.86 14.88
CA ALA B 123 9.25 7.42 15.08
C ALA B 123 10.26 8.58 15.12
N PHE B 124 10.10 9.57 14.25
CA PHE B 124 11.15 10.61 14.11
C PHE B 124 10.77 11.95 14.70
N ARG B 125 11.67 12.50 15.49
CA ARG B 125 11.43 13.82 16.05
C ARG B 125 12.16 14.92 15.27
N GLY B 126 13.18 14.54 14.53
CA GLY B 126 13.93 15.52 13.78
C GLY B 126 14.31 15.02 12.40
N VAL B 127 14.22 15.91 11.42
CA VAL B 127 14.80 15.63 10.11
C VAL B 127 15.69 16.79 9.71
N ARG B 128 16.91 16.45 9.32
CA ARG B 128 17.92 17.42 9.01
C ARG B 128 18.29 17.30 7.56
N VAL B 129 18.25 18.40 6.82
CA VAL B 129 18.39 18.35 5.38
C VAL B 129 19.56 19.19 4.89
N ALA B 130 20.42 18.58 4.08
CA ALA B 130 21.52 19.29 3.46
C ALA B 130 21.31 19.27 1.93
N VAL B 131 21.30 20.45 1.32
CA VAL B 131 21.21 20.55 -0.12
C VAL B 131 22.56 21.02 -0.64
N GLU B 132 23.25 20.15 -1.37
CA GLU B 132 24.60 20.46 -1.85
C GLU B 132 24.52 21.65 -2.79
N GLY B 133 25.42 22.62 -2.60
CA GLY B 133 25.38 23.86 -3.35
C GLY B 133 26.55 24.11 -4.29
N ASN B 134 27.44 23.14 -4.41
CA ASN B 134 28.64 23.28 -5.24
C ASN B 134 28.33 23.72 -6.69
N SER B 135 27.28 23.15 -7.28
CA SER B 135 26.89 23.50 -8.65
C SER B 135 26.33 24.91 -8.69
N SER B 136 25.26 25.11 -7.92
CA SER B 136 24.61 26.41 -7.85
C SER B 136 24.08 26.69 -6.46
N GLN B 137 24.58 27.78 -5.88
CA GLN B 137 24.19 28.16 -4.53
C GLN B 137 22.76 28.64 -4.52
N ASP B 138 22.45 29.47 -5.51
CA ASP B 138 21.11 30.01 -5.69
C ASP B 138 20.10 28.89 -5.86
N SER B 139 20.44 27.88 -6.66
CA SER B 139 19.52 26.76 -6.83
C SER B 139 19.41 25.93 -5.58
N ALA B 140 20.52 25.75 -4.87
CA ALA B 140 20.52 25.03 -3.62
C ALA B 140 19.62 25.70 -2.59
N VAL B 141 19.70 27.03 -2.48
CA VAL B 141 18.80 27.77 -1.59
C VAL B 141 17.33 27.64 -2.03
N ALA B 142 17.09 27.75 -3.33
CA ALA B 142 15.75 27.62 -3.89
C ALA B 142 15.14 26.25 -3.60
N ILE B 143 15.95 25.20 -3.71
CA ILE B 143 15.50 23.84 -3.38
C ILE B 143 15.16 23.73 -1.90
N ALA B 144 16.07 24.20 -1.04
CA ALA B 144 15.85 24.14 0.40
C ALA B 144 14.61 24.93 0.81
N THR B 145 14.42 26.10 0.22
CA THR B 145 13.26 26.92 0.56
C THR B 145 11.93 26.22 0.24
N HIS B 146 11.84 25.62 -0.95
CA HIS B 146 10.65 24.84 -1.33
C HIS B 146 10.41 23.60 -0.47
N VAL B 147 11.47 22.88 -0.10
CA VAL B 147 11.33 21.75 0.82
C VAL B 147 10.73 22.25 2.13
N HIS B 148 11.29 23.35 2.64
CA HIS B 148 10.83 24.00 3.85
C HIS B 148 9.36 24.33 3.78
N THR B 149 8.97 25.01 2.70
CA THR B 149 7.61 25.45 2.55
C THR B 149 6.60 24.31 2.42
N GLU B 150 6.94 23.31 1.61
CA GLU B 150 6.01 22.19 1.42
C GLU B 150 5.92 21.33 2.67
N MET B 151 7.06 21.08 3.31
CA MET B 151 7.08 20.26 4.52
C MET B 151 6.38 20.91 5.70
N HIS B 152 6.26 22.24 5.67
CA HIS B 152 5.71 22.96 6.80
C HIS B 152 4.24 22.59 7.02
N ARG B 153 3.65 21.93 6.02
CA ARG B 153 2.36 21.27 6.16
C ARG B 153 2.45 19.77 5.89
N LEU B 154 2.42 18.86 6.89
CA LEU B 154 2.47 19.06 8.36
C LEU B 154 1.46 20.02 9.02
N LEU B 155 0.26 20.07 8.44
CA LEU B 155 -0.81 20.97 8.90
C LEU B 155 -1.10 20.84 10.38
N SER B 164 3.87 19.25 16.82
CA SER B 164 4.19 17.98 17.47
C SER B 164 4.58 16.90 16.47
N GLY B 165 4.79 17.32 15.23
CA GLY B 165 5.42 16.48 14.24
C GLY B 165 6.92 16.73 14.33
N PRO B 166 7.70 16.06 13.48
CA PRO B 166 9.15 16.23 13.48
C PRO B 166 9.58 17.66 13.11
N GLU B 167 10.61 18.16 13.78
CA GLU B 167 11.19 19.46 13.44
C GLU B 167 12.09 19.34 12.22
N LEU B 168 12.04 20.35 11.35
CA LEU B 168 12.84 20.31 10.13
C LEU B 168 13.98 21.30 10.25
N LEU B 169 15.22 20.83 10.13
CA LEU B 169 16.39 21.70 10.18
C LEU B 169 17.17 21.62 8.87
N PHE B 170 17.80 22.72 8.47
CA PHE B 170 18.64 22.69 7.28
C PHE B 170 20.07 22.95 7.70
N TYR B 171 21.02 22.30 7.04
CA TYR B 171 22.43 22.66 7.20
C TYR B 171 22.68 23.99 6.50
N HIS B 172 23.47 24.85 7.15
CA HIS B 172 23.72 26.19 6.67
C HIS B 172 25.19 26.32 6.40
N CYS B 173 25.53 27.26 5.57
CA CYS B 173 26.91 27.42 5.18
C CYS B 173 27.22 28.86 4.90
N GLU B 174 28.40 29.32 5.31
CA GLU B 174 28.85 30.66 4.96
C GLU B 174 29.86 30.55 3.88
N PRO B 175 29.46 30.83 2.67
CA PRO B 175 30.35 30.68 1.51
C PRO B 175 31.53 31.63 1.57
N PRO B 176 32.65 31.27 0.94
CA PRO B 176 33.83 32.13 0.94
C PRO B 176 33.50 33.53 0.40
N GLY B 177 33.92 34.57 1.12
CA GLY B 177 33.63 35.93 0.75
C GLY B 177 32.24 36.43 1.11
N SER B 178 31.45 35.60 1.78
CA SER B 178 30.10 35.99 2.19
C SER B 178 30.08 36.17 3.70
N ALA B 179 29.14 36.97 4.21
CA ALA B 179 28.97 37.12 5.65
C ALA B 179 27.65 36.51 6.11
N VAL B 180 26.91 35.98 5.14
CA VAL B 180 25.59 35.37 5.33
C VAL B 180 25.64 33.84 5.49
N LEU B 181 24.76 33.29 6.33
CA LEU B 181 24.65 31.84 6.37
C LEU B 181 23.46 31.42 5.52
N TYR B 182 23.76 30.84 4.36
CA TYR B 182 22.72 30.40 3.47
C TYR B 182 22.43 28.96 3.84
N PRO B 183 21.18 28.52 3.65
CA PRO B 183 20.77 27.15 3.97
C PRO B 183 21.14 26.14 2.88
N PHE B 184 22.42 26.05 2.56
CA PHE B 184 22.93 24.99 1.72
C PHE B 184 24.24 24.43 2.29
N PHE B 185 24.69 23.32 1.74
CA PHE B 185 25.89 22.63 2.19
C PHE B 185 26.90 22.61 1.06
N LEU B 186 28.13 23.00 1.35
CA LEU B 186 29.20 22.94 0.37
C LEU B 186 30.10 21.74 0.67
N LEU B 187 30.28 20.88 -0.32
CA LEU B 187 31.06 19.66 -0.16
C LEU B 187 32.53 19.93 -0.55
N ASN B 188 33.42 19.89 0.42
CA ASN B 188 34.86 20.05 0.19
C ASN B 188 35.71 19.17 1.12
N LYS B 189 36.01 19.72 2.30
CA LYS B 189 36.95 19.11 3.25
C LYS B 189 36.42 17.79 3.83
N GLN B 190 35.10 17.60 3.79
CA GLN B 190 34.53 16.41 4.44
C GLN B 190 34.36 15.22 3.51
N LYS B 191 34.62 15.41 2.22
CA LYS B 191 34.42 14.35 1.25
C LYS B 191 35.31 13.14 1.54
N THR B 192 36.60 13.38 1.70
CA THR B 192 37.53 12.30 1.97
C THR B 192 37.23 11.54 3.29
N PRO B 193 36.99 12.25 4.40
CA PRO B 193 36.54 11.51 5.61
C PRO B 193 35.20 10.76 5.41
N ALA B 194 34.25 11.40 4.73
CA ALA B 194 32.96 10.80 4.49
C ALA B 194 33.10 9.47 3.76
N PHE B 195 33.93 9.49 2.73
CA PHE B 195 34.13 8.32 1.89
C PHE B 195 34.89 7.23 2.61
N GLU B 196 35.93 7.62 3.35
CA GLU B 196 36.72 6.68 4.16
C GLU B 196 35.89 5.98 5.25
N HIS B 197 35.08 6.73 5.98
CA HIS B 197 34.26 6.15 7.03
C HIS B 197 33.20 5.20 6.45
N PHE B 198 32.62 5.59 5.32
CA PHE B 198 31.62 4.78 4.64
C PHE B 198 32.17 3.43 4.22
N ILE B 199 33.32 3.45 3.56
CA ILE B 199 33.97 2.22 3.09
C ILE B 199 34.21 1.21 4.22
N LYS B 200 34.78 1.69 5.31
CA LYS B 200 35.04 0.88 6.49
C LYS B 200 33.74 0.33 7.07
N LYS B 201 32.75 1.19 7.19
CA LYS B 201 31.47 0.81 7.76
C LYS B 201 30.72 -0.18 6.87
N PHE B 202 30.70 0.09 5.57
CA PHE B 202 30.03 -0.80 4.62
C PHE B 202 30.64 -2.19 4.61
N ASN B 203 31.97 -2.24 4.55
CA ASN B 203 32.69 -3.50 4.45
C ASN B 203 32.56 -4.39 5.70
N SER B 204 32.27 -3.77 6.84
CA SER B 204 32.13 -4.51 8.08
C SER B 204 30.68 -4.89 8.39
N GLY B 205 29.75 -4.59 7.48
CA GLY B 205 28.36 -4.94 7.63
C GLY B 205 27.51 -3.91 8.34
N GLY B 206 28.03 -2.69 8.48
CA GLY B 206 27.39 -1.68 9.27
C GLY B 206 26.51 -0.71 8.49
N VAL B 207 26.41 -0.85 7.18
CA VAL B 207 25.38 -0.09 6.43
C VAL B 207 24.42 -0.96 5.65
N MET B 208 23.14 -0.66 5.78
CA MET B 208 22.15 -1.50 5.18
C MET B 208 20.97 -0.72 4.64
N ALA B 209 20.06 -1.42 3.96
CA ALA B 209 18.88 -0.77 3.41
C ALA B 209 17.64 -1.27 4.12
N SER B 210 16.66 -0.40 4.30
CA SER B 210 15.39 -0.83 4.86
C SER B 210 14.71 -1.83 3.93
N GLN B 211 14.11 -2.87 4.50
CA GLN B 211 13.27 -3.78 3.72
C GLN B 211 12.15 -3.00 3.03
N GLU B 212 11.69 -1.93 3.65
CA GLU B 212 10.65 -1.12 3.04
C GLU B 212 11.13 0.28 2.65
N ILE B 213 12.33 0.28 2.08
CA ILE B 213 12.96 1.43 1.48
C ILE B 213 12.07 2.04 0.41
N VAL B 214 12.08 3.35 0.32
CA VAL B 214 11.19 4.11 -0.56
C VAL B 214 11.96 4.67 -1.74
N SER B 215 11.40 4.53 -2.93
CA SER B 215 11.91 5.22 -4.10
C SER B 215 10.82 5.36 -5.13
N ALA B 216 10.49 6.60 -5.47
CA ALA B 216 9.52 6.86 -6.52
C ALA B 216 10.15 6.74 -7.90
N THR B 217 11.41 7.17 -8.01
CA THR B 217 12.12 7.28 -9.29
C THR B 217 12.87 6.03 -9.74
N VAL B 218 13.17 5.13 -8.81
CA VAL B 218 13.77 3.85 -9.17
C VAL B 218 12.90 2.67 -8.70
N ARG B 219 11.84 2.35 -9.43
CA ARG B 219 10.94 1.28 -8.97
C ARG B 219 10.44 0.27 -10.01
N LEU B 220 10.14 0.73 -11.22
CA LEU B 220 9.67 -0.18 -12.26
C LEU B 220 10.78 -0.98 -12.94
N GLN B 221 11.89 -0.32 -13.24
CA GLN B 221 12.97 -0.91 -14.03
C GLN B 221 13.95 -1.76 -13.24
N THR B 222 14.28 -1.30 -12.04
CA THR B 222 15.31 -1.96 -11.25
C THR B 222 15.07 -1.75 -9.76
N ASP B 223 15.62 -2.65 -8.95
CA ASP B 223 15.53 -2.57 -7.49
C ASP B 223 16.43 -1.42 -7.03
N PRO B 224 15.92 -0.55 -6.14
CA PRO B 224 16.70 0.64 -5.75
C PRO B 224 18.01 0.27 -5.05
N VAL B 225 17.99 -0.75 -4.19
CA VAL B 225 19.19 -1.20 -3.50
C VAL B 225 20.20 -1.76 -4.48
N GLU B 226 19.73 -2.57 -5.40
CA GLU B 226 20.58 -3.11 -6.45
C GLU B 226 21.18 -2.00 -7.31
N TYR B 227 20.35 -1.00 -7.62
CA TYR B 227 20.80 0.13 -8.42
C TYR B 227 21.89 0.93 -7.68
N LEU B 228 21.66 1.18 -6.39
CA LEU B 228 22.62 1.90 -5.55
C LEU B 228 23.94 1.16 -5.51
N LEU B 229 23.86 -0.15 -5.31
CA LEU B 229 25.05 -1.00 -5.20
C LEU B 229 25.85 -0.92 -6.49
N GLU B 230 25.17 -0.78 -7.62
CA GLU B 230 25.85 -0.63 -8.90
C GLU B 230 26.65 0.67 -8.98
N GLN B 231 26.08 1.76 -8.46
CA GLN B 231 26.81 3.04 -8.43
C GLN B 231 27.98 2.97 -7.44
N LEU B 232 27.74 2.40 -6.24
CA LEU B 232 28.77 2.25 -5.21
C LEU B 232 29.96 1.44 -5.70
N ASN B 233 29.69 0.49 -6.58
CA ASN B 233 30.77 -0.34 -7.10
C ASN B 233 31.61 0.36 -8.17
N ASN B 234 31.35 1.65 -8.39
CA ASN B 234 32.16 2.47 -9.28
C ASN B 234 33.29 3.16 -8.52
N LEU B 235 33.23 3.06 -7.21
CA LEU B 235 34.26 3.59 -6.33
C LEU B 235 35.58 2.89 -6.61
N THR B 236 36.68 3.66 -6.66
CA THR B 236 38.01 3.06 -6.78
C THR B 236 39.11 3.79 -5.97
N SER B 256 28.50 8.77 -13.31
CA SER B 256 27.33 9.28 -12.59
C SER B 256 27.37 8.90 -11.11
N ASP B 257 27.58 9.89 -10.24
CA ASP B 257 27.78 9.60 -8.81
C ASP B 257 26.90 10.37 -7.82
N ASP B 258 25.86 11.03 -8.31
CA ASP B 258 24.96 11.83 -7.50
C ASP B 258 24.31 11.02 -6.38
N LEU B 259 23.94 9.80 -6.69
CA LEU B 259 23.25 8.92 -5.74
C LEU B 259 24.25 8.38 -4.73
N MET B 260 25.44 8.04 -5.21
CA MET B 260 26.53 7.53 -4.39
C MET B 260 26.97 8.57 -3.36
N VAL B 261 27.15 9.81 -3.84
CA VAL B 261 27.54 10.92 -2.98
C VAL B 261 26.49 11.24 -1.91
N ALA B 262 25.22 11.24 -2.32
CA ALA B 262 24.12 11.54 -1.42
C ALA B 262 24.01 10.50 -0.29
N VAL B 263 24.21 9.23 -0.63
CA VAL B 263 24.12 8.19 0.37
C VAL B 263 25.30 8.32 1.32
N ILE B 264 26.49 8.46 0.75
CA ILE B 264 27.69 8.56 1.55
C ILE B 264 27.71 9.82 2.41
N MET B 265 27.28 10.95 1.84
CA MET B 265 27.24 12.18 2.61
C MET B 265 26.15 12.20 3.66
N ALA B 266 24.98 11.63 3.35
CA ALA B 266 23.88 11.56 4.31
C ALA B 266 24.28 10.76 5.55
N ILE B 267 24.93 9.63 5.31
CA ILE B 267 25.43 8.79 6.39
C ILE B 267 26.54 9.51 7.17
N TYR B 268 27.44 10.17 6.47
CA TYR B 268 28.50 10.93 7.15
C TYR B 268 27.90 11.97 8.10
N LEU B 269 26.86 12.67 7.63
CA LEU B 269 26.14 13.66 8.42
C LEU B 269 25.46 13.05 9.66
N ALA B 270 24.87 11.88 9.49
CA ALA B 270 24.29 11.15 10.64
C ALA B 270 25.40 10.70 11.61
N ALA B 271 26.55 10.36 11.07
CA ALA B 271 27.64 9.83 11.89
C ALA B 271 28.19 10.82 12.91
N GLN B 272 27.78 12.09 12.83
CA GLN B 272 28.05 13.06 13.91
C GLN B 272 26.81 13.54 14.71
N ALA B 273 26.67 13.13 15.99
CA ALA B 273 26.83 11.74 16.48
C ALA B 273 25.98 11.48 17.75
N GLY B 274 25.89 10.21 18.20
CA GLY B 274 25.37 9.93 19.56
C GLY B 274 24.10 9.30 20.19
N PRO B 275 22.87 9.74 19.82
CA PRO B 275 21.62 9.92 20.58
C PRO B 275 20.95 8.74 21.41
N PRO B 276 19.61 8.81 21.68
CA PRO B 276 18.83 7.66 22.16
C PRO B 276 18.01 6.98 21.05
N HIS B 277 16.88 6.38 21.43
CA HIS B 277 16.10 5.54 20.51
C HIS B 277 14.64 5.98 20.28
N THR B 278 14.09 5.63 19.12
CA THR B 278 12.67 5.80 18.81
C THR B 278 11.83 4.88 19.69
N PHE B 279 10.57 5.26 19.93
CA PHE B 279 9.69 4.46 20.77
C PHE B 279 9.36 3.08 20.19
N ALA B 280 9.08 2.11 21.07
CA ALA B 280 8.58 0.79 20.64
C ALA B 280 7.04 0.67 20.55
N PRO B 281 6.49 0.53 19.33
CA PRO B 281 5.17 -0.02 19.02
C PRO B 281 5.34 -1.26 18.14
N ILE B 282 5.84 -2.36 18.72
CA ILE B 282 6.32 -3.56 18.00
C ILE B 282 5.57 -3.91 16.73
N PRO C 27 -6.09 6.87 35.40
CA PRO C 27 -6.39 5.51 35.85
C PRO C 27 -7.38 4.79 34.93
N VAL C 28 -8.21 3.95 35.54
CA VAL C 28 -9.27 3.16 34.88
C VAL C 28 -8.79 2.07 33.91
N LEU C 29 -7.99 2.41 32.91
CA LEU C 29 -7.43 1.37 32.06
C LEU C 29 -6.03 1.09 32.56
N THR C 30 -5.70 -0.18 32.82
CA THR C 30 -4.39 -0.50 33.37
C THR C 30 -3.23 -0.25 32.38
N LYS C 31 -2.06 0.04 32.92
CA LYS C 31 -0.88 0.26 32.09
C LYS C 31 -0.52 -1.01 31.34
N SER C 32 -0.73 -2.15 31.99
CA SER C 32 -0.36 -3.44 31.39
C SER C 32 -1.22 -3.74 30.17
N ALA C 33 -2.53 -3.51 30.26
CA ALA C 33 -3.40 -3.69 29.10
C ALA C 33 -3.08 -2.64 28.03
N GLY C 34 -2.79 -1.41 28.45
CA GLY C 34 -2.46 -0.35 27.51
C GLY C 34 -1.25 -0.74 26.69
N GLU C 35 -0.27 -1.34 27.36
CA GLU C 35 0.95 -1.76 26.67
C GLU C 35 0.73 -2.91 25.71
N ARG C 36 -0.07 -3.89 26.09
CA ARG C 36 -0.34 -5.00 25.18
C ARG C 36 -1.14 -4.55 23.98
N PHE C 37 -1.96 -3.53 24.19
CA PHE C 37 -2.76 -2.93 23.15
C PHE C 37 -1.86 -2.29 22.06
N LEU C 38 -0.83 -1.59 22.49
CA LEU C 38 0.12 -0.96 21.61
C LEU C 38 0.94 -1.97 20.81
N LEU C 39 1.40 -3.00 21.51
CA LEU C 39 2.40 -3.94 21.00
C LEU C 39 1.86 -5.15 20.22
N TYR C 40 0.75 -5.73 20.67
CA TYR C 40 0.24 -6.93 20.02
C TYR C 40 -0.93 -6.59 19.10
N ARG C 41 -0.62 -6.54 17.80
CA ARG C 41 -1.57 -6.14 16.77
C ARG C 41 -1.74 -7.26 15.77
N PRO C 42 -2.86 -7.97 15.85
CA PRO C 42 -3.09 -9.07 14.92
C PRO C 42 -3.07 -8.62 13.48
N SER C 43 -2.43 -9.41 12.64
CA SER C 43 -2.50 -9.20 11.23
C SER C 43 -3.85 -9.68 10.71
N THR C 44 -4.78 -8.76 10.50
CA THR C 44 -6.13 -9.10 10.03
C THR C 44 -6.20 -9.49 8.56
N THR C 45 -5.25 -8.99 7.76
CA THR C 45 -5.22 -9.28 6.33
C THR C 45 -4.82 -10.73 6.03
N THR C 46 -4.20 -11.37 7.00
CA THR C 46 -3.80 -12.77 6.86
C THR C 46 -4.53 -13.72 7.84
N ASN C 47 -5.48 -13.18 8.61
CA ASN C 47 -6.29 -14.00 9.51
C ASN C 47 -7.78 -13.64 9.42
N SER C 48 -8.27 -13.47 8.20
CA SER C 48 -9.62 -12.95 7.99
C SER C 48 -10.68 -13.98 8.38
N GLY C 49 -10.32 -15.26 8.37
CA GLY C 49 -11.25 -16.30 8.77
C GLY C 49 -11.72 -16.14 10.22
N LEU C 50 -10.98 -15.38 11.01
CA LEU C 50 -11.31 -15.16 12.42
C LEU C 50 -12.27 -14.00 12.65
N MET C 51 -12.53 -13.20 11.62
CA MET C 51 -13.39 -12.01 11.75
C MET C 51 -14.87 -12.27 11.50
N ALA C 52 -15.71 -11.48 12.15
CA ALA C 52 -17.12 -11.47 11.84
C ALA C 52 -17.32 -10.64 10.55
N PRO C 53 -18.32 -11.00 9.72
CA PRO C 53 -18.46 -10.33 8.41
C PRO C 53 -19.16 -8.98 8.48
N ASP C 54 -19.20 -8.36 9.64
CA ASP C 54 -19.83 -7.05 9.77
C ASP C 54 -18.89 -6.00 10.33
N LEU C 55 -18.93 -4.81 9.72
CA LEU C 55 -18.10 -3.70 10.13
C LEU C 55 -18.98 -2.70 10.88
N TYR C 56 -18.41 -2.08 11.91
CA TYR C 56 -19.15 -1.08 12.66
C TYR C 56 -18.36 0.19 12.68
N VAL C 57 -19.02 1.27 12.26
CA VAL C 57 -18.34 2.55 12.25
C VAL C 57 -19.10 3.58 13.03
N TYR C 58 -18.36 4.35 13.81
CA TYR C 58 -18.97 5.44 14.57
C TYR C 58 -18.24 6.69 14.16
N VAL C 59 -18.98 7.72 13.74
CA VAL C 59 -18.35 9.02 13.54
C VAL C 59 -18.92 10.05 14.48
N ASP C 60 -18.02 10.66 15.24
CA ASP C 60 -18.35 11.61 16.29
C ASP C 60 -17.89 12.99 15.86
N PRO C 61 -18.76 13.76 15.18
CA PRO C 61 -18.31 15.03 14.63
C PRO C 61 -18.36 16.16 15.67
N ALA C 62 -17.36 17.03 15.63
CA ALA C 62 -17.37 18.27 16.39
C ALA C 62 -16.97 19.42 15.48
N GLY C 71 -12.35 18.60 16.79
CA GLY C 71 -11.97 17.44 16.01
C GLY C 71 -13.07 16.42 15.83
N THR C 72 -13.13 15.82 14.64
CA THR C 72 -14.06 14.73 14.34
C THR C 72 -13.39 13.38 14.50
N GLY C 73 -14.00 12.50 15.30
CA GLY C 73 -13.49 11.15 15.51
C GLY C 73 -14.23 10.09 14.72
N VAL C 74 -13.49 9.17 14.12
CA VAL C 74 -14.08 8.06 13.38
C VAL C 74 -13.41 6.77 13.80
N ALA C 75 -14.20 5.73 14.05
CA ALA C 75 -13.68 4.41 14.33
C ALA C 75 -14.38 3.37 13.48
N VAL C 76 -13.59 2.46 12.90
CA VAL C 76 -14.12 1.32 12.16
C VAL C 76 -13.64 0.09 12.90
N VAL C 77 -14.59 -0.70 13.42
CA VAL C 77 -14.23 -1.85 14.25
C VAL C 77 -15.04 -3.05 13.81
N GLY C 78 -14.59 -4.23 14.26
CA GLY C 78 -15.30 -5.47 14.00
C GLY C 78 -14.94 -6.50 15.05
N ARG C 79 -15.57 -7.67 14.95
CA ARG C 79 -15.25 -8.77 15.84
C ARG C 79 -14.14 -9.61 15.25
N TYR C 80 -13.21 -9.98 16.11
CA TYR C 80 -12.09 -10.84 15.78
C TYR C 80 -12.13 -11.89 16.87
N ARG C 81 -12.30 -13.14 16.50
CA ARG C 81 -12.74 -14.17 17.46
C ARG C 81 -13.90 -13.69 18.34
N ASP C 82 -13.62 -13.68 19.63
CA ASP C 82 -14.50 -13.32 20.71
C ASP C 82 -14.24 -11.89 21.11
N ASP C 83 -13.31 -11.24 20.41
CA ASP C 83 -12.82 -9.92 20.81
C ASP C 83 -13.18 -8.83 19.82
N TYR C 84 -12.69 -7.63 20.10
CA TYR C 84 -12.95 -6.50 19.23
C TYR C 84 -11.65 -5.90 18.72
N ILE C 85 -11.62 -5.60 17.43
CA ILE C 85 -10.42 -5.15 16.76
C ILE C 85 -10.67 -3.87 15.97
N ILE C 86 -9.73 -2.93 16.01
CA ILE C 86 -9.87 -1.67 15.31
C ILE C 86 -9.19 -1.72 13.93
N PHE C 87 -9.97 -1.45 12.89
CA PHE C 87 -9.50 -1.46 11.50
C PHE C 87 -9.04 -0.10 10.96
N ALA C 88 -9.60 0.97 11.51
CA ALA C 88 -9.29 2.30 11.04
C ALA C 88 -9.60 3.34 12.09
N LEU C 89 -8.88 4.45 12.03
CA LEU C 89 -9.03 5.57 12.95
C LEU C 89 -8.85 6.87 12.17
N GLU C 90 -9.66 7.87 12.47
CA GLU C 90 -9.45 9.20 11.91
C GLU C 90 -9.72 10.24 12.99
N HIS C 91 -8.87 11.28 13.01
CA HIS C 91 -9.03 12.40 13.93
C HIS C 91 -8.92 13.62 13.03
N PHE C 92 -10.06 14.06 12.52
CA PHE C 92 -10.10 14.94 11.36
C PHE C 92 -10.47 16.32 11.82
N PHE C 93 -9.78 17.34 11.29
CA PHE C 93 -10.00 18.70 11.75
C PHE C 93 -10.60 19.61 10.67
N LEU C 94 -11.53 20.46 11.11
CA LEU C 94 -12.25 21.35 10.22
C LEU C 94 -12.11 22.82 10.63
N GLY C 99 -20.91 23.68 6.78
CA GLY C 99 -21.01 23.99 5.37
C GLY C 99 -19.84 23.42 4.59
N SER C 100 -20.12 22.43 3.74
CA SER C 100 -19.09 21.62 3.03
C SER C 100 -18.32 20.71 3.98
N ALA C 101 -18.32 21.05 5.26
CA ALA C 101 -17.72 20.21 6.28
C ALA C 101 -18.30 18.79 6.31
N PRO C 102 -19.64 18.65 6.27
CA PRO C 102 -20.19 17.28 6.32
C PRO C 102 -19.71 16.40 5.16
N ALA C 103 -19.63 17.00 3.98
CA ALA C 103 -19.22 16.27 2.79
C ALA C 103 -17.74 15.88 2.83
N ASP C 104 -16.94 16.70 3.51
CA ASP C 104 -15.52 16.41 3.72
C ASP C 104 -15.34 15.31 4.74
N ILE C 105 -16.10 15.40 5.82
CA ILE C 105 -16.09 14.34 6.82
C ILE C 105 -16.45 13.01 6.17
N ALA C 106 -17.49 13.04 5.33
CA ALA C 106 -17.98 11.83 4.66
C ALA C 106 -16.97 11.24 3.69
N ARG C 107 -16.27 12.09 2.95
CA ARG C 107 -15.25 11.60 2.03
C ARG C 107 -14.12 10.96 2.80
N CYS C 108 -13.86 11.47 3.99
CA CYS C 108 -12.83 10.88 4.81
C CYS C 108 -13.29 9.50 5.30
N VAL C 109 -14.50 9.38 5.86
CA VAL C 109 -14.90 8.06 6.36
C VAL C 109 -15.04 7.09 5.22
N VAL C 110 -15.54 7.55 4.08
CA VAL C 110 -15.63 6.67 2.92
C VAL C 110 -14.24 6.22 2.46
N HIS C 111 -13.27 7.11 2.56
CA HIS C 111 -11.89 6.78 2.21
C HIS C 111 -11.31 5.70 3.13
N SER C 112 -11.52 5.83 4.44
CA SER C 112 -11.08 4.78 5.39
C SER C 112 -11.77 3.44 5.15
N LEU C 113 -13.10 3.46 5.02
CA LEU C 113 -13.88 2.24 4.79
C LEU C 113 -13.43 1.52 3.52
N THR C 114 -13.29 2.28 2.44
CA THR C 114 -12.87 1.72 1.16
C THR C 114 -11.57 0.96 1.31
N GLN C 115 -10.59 1.57 1.96
CA GLN C 115 -9.32 0.93 2.23
C GLN C 115 -9.45 -0.29 3.13
N VAL C 116 -10.28 -0.19 4.16
CA VAL C 116 -10.49 -1.35 5.03
C VAL C 116 -11.07 -2.51 4.20
N LEU C 117 -12.07 -2.21 3.38
CA LEU C 117 -12.64 -3.20 2.46
C LEU C 117 -11.61 -3.79 1.53
N ALA C 118 -10.80 -2.94 0.90
CA ALA C 118 -9.74 -3.39 0.00
C ALA C 118 -8.66 -4.22 0.71
N LEU C 119 -8.38 -3.90 1.97
CA LEU C 119 -7.36 -4.66 2.73
C LEU C 119 -7.85 -6.08 3.06
N HIS C 120 -9.16 -6.26 3.11
CA HIS C 120 -9.78 -7.56 3.43
C HIS C 120 -10.83 -7.93 2.38
N PRO C 121 -10.37 -8.29 1.17
CA PRO C 121 -11.34 -8.51 0.09
C PRO C 121 -12.26 -9.69 0.36
N GLY C 122 -13.56 -9.45 0.21
CA GLY C 122 -14.55 -10.47 0.45
C GLY C 122 -14.80 -10.78 1.92
N ALA C 123 -14.13 -10.07 2.83
CA ALA C 123 -14.33 -10.35 4.25
C ALA C 123 -15.65 -9.82 4.77
N PHE C 124 -16.03 -8.62 4.39
CA PHE C 124 -17.19 -7.99 4.99
C PHE C 124 -18.42 -7.93 4.09
N ARG C 125 -19.54 -8.41 4.63
CA ARG C 125 -20.83 -8.39 3.95
C ARG C 125 -21.74 -7.23 4.36
N GLY C 126 -21.50 -6.65 5.53
CA GLY C 126 -22.34 -5.56 6.00
C GLY C 126 -21.55 -4.48 6.71
N VAL C 127 -21.93 -3.23 6.52
CA VAL C 127 -21.36 -2.19 7.34
C VAL C 127 -22.42 -1.34 7.98
N ARG C 128 -22.29 -1.13 9.28
CA ARG C 128 -23.28 -0.42 10.05
C ARG C 128 -22.65 0.86 10.53
N VAL C 129 -23.30 1.99 10.23
CA VAL C 129 -22.70 3.29 10.47
C VAL C 129 -23.56 4.11 11.40
N ALA C 130 -22.95 4.65 12.46
CA ALA C 130 -23.64 5.57 13.36
C ALA C 130 -22.95 6.91 13.32
N VAL C 131 -23.71 7.96 13.02
CA VAL C 131 -23.17 9.31 13.02
C VAL C 131 -23.77 10.03 14.20
N GLU C 132 -22.94 10.35 15.19
CA GLU C 132 -23.44 11.00 16.39
C GLU C 132 -24.01 12.37 16.08
N GLY C 133 -25.21 12.65 16.59
CA GLY C 133 -25.92 13.87 16.27
C GLY C 133 -26.07 14.82 17.43
N ASN C 134 -25.47 14.48 18.57
CA ASN C 134 -25.56 15.30 19.77
C ASN C 134 -25.10 16.72 19.49
N SER C 135 -24.06 16.82 18.67
CA SER C 135 -23.48 18.10 18.34
C SER C 135 -24.46 18.92 17.52
N SER C 136 -24.81 18.38 16.36
CA SER C 136 -25.76 19.01 15.45
C SER C 136 -26.48 17.92 14.68
N GLN C 137 -27.80 17.88 14.78
CA GLN C 137 -28.54 16.84 14.09
C GLN C 137 -28.50 17.01 12.58
N ASP C 138 -28.62 18.25 12.12
CA ASP C 138 -28.59 18.55 10.70
C ASP C 138 -27.29 18.11 10.03
N SER C 139 -26.17 18.42 10.67
CA SER C 139 -24.87 18.04 10.13
C SER C 139 -24.66 16.53 10.18
N ALA C 140 -25.13 15.91 11.26
CA ALA C 140 -25.07 14.44 11.39
C ALA C 140 -25.82 13.77 10.25
N VAL C 141 -27.02 14.26 9.96
CA VAL C 141 -27.80 13.76 8.83
C VAL C 141 -27.09 14.04 7.50
N ALA C 142 -26.58 15.24 7.35
CA ALA C 142 -25.86 15.62 6.13
C ALA C 142 -24.65 14.71 5.90
N ILE C 143 -23.91 14.42 6.97
CA ILE C 143 -22.78 13.49 6.85
C ILE C 143 -23.25 12.12 6.40
N ALA C 144 -24.29 11.61 7.07
CA ALA C 144 -24.82 10.29 6.73
C ALA C 144 -25.27 10.25 5.29
N THR C 145 -25.97 11.29 4.86
CA THR C 145 -26.46 11.37 3.50
C THR C 145 -25.30 11.30 2.50
N HIS C 146 -24.25 12.09 2.74
CA HIS C 146 -23.08 12.05 1.85
C HIS C 146 -22.38 10.69 1.84
N VAL C 147 -22.22 10.08 3.00
CA VAL C 147 -21.64 8.74 3.06
C VAL C 147 -22.50 7.77 2.28
N HIS C 148 -23.81 7.88 2.51
CA HIS C 148 -24.78 7.06 1.81
C HIS C 148 -24.62 7.15 0.29
N THR C 149 -24.66 8.37 -0.26
CA THR C 149 -24.55 8.51 -1.71
C THR C 149 -23.15 8.13 -2.25
N GLU C 150 -22.08 8.49 -1.54
CA GLU C 150 -20.73 8.20 -2.05
C GLU C 150 -20.43 6.73 -2.04
N MET C 151 -20.88 6.03 -1.00
CA MET C 151 -20.69 4.59 -0.96
C MET C 151 -21.51 3.90 -2.06
N HIS C 152 -22.66 4.49 -2.40
CA HIS C 152 -23.56 3.94 -3.41
C HIS C 152 -22.91 4.05 -4.79
N ARG C 153 -22.25 5.18 -5.05
CA ARG C 153 -21.45 5.42 -6.26
C ARG C 153 -20.32 4.39 -6.45
N LEU C 154 -19.54 4.16 -5.39
CA LEU C 154 -18.50 3.12 -5.42
C LEU C 154 -19.00 1.73 -5.87
N LEU C 155 -20.33 1.59 -5.94
CA LEU C 155 -21.02 0.32 -6.27
C LEU C 155 -20.69 -0.69 -5.20
N GLY C 165 -21.63 -6.38 -3.34
CA GLY C 165 -20.85 -5.73 -2.31
C GLY C 165 -21.51 -5.78 -0.95
N PRO C 166 -20.86 -5.21 0.07
CA PRO C 166 -21.41 -5.15 1.43
C PRO C 166 -22.64 -4.23 1.52
N GLU C 167 -23.68 -4.60 2.24
CA GLU C 167 -24.79 -3.68 2.41
C GLU C 167 -24.49 -2.64 3.50
N LEU C 168 -24.91 -1.40 3.24
CA LEU C 168 -24.66 -0.29 4.12
C LEU C 168 -25.91 0.10 4.88
N LEU C 169 -25.84 0.09 6.21
CA LEU C 169 -26.94 0.48 7.09
C LEU C 169 -26.54 1.62 8.03
N PHE C 170 -27.50 2.46 8.40
CA PHE C 170 -27.24 3.50 9.41
C PHE C 170 -28.06 3.27 10.65
N TYR C 171 -27.49 3.60 11.81
CA TYR C 171 -28.34 3.68 12.99
C TYR C 171 -29.26 4.88 12.80
N HIS C 172 -30.52 4.71 13.15
CA HIS C 172 -31.51 5.73 12.93
C HIS C 172 -32.08 6.16 14.25
N CYS C 173 -32.63 7.35 14.30
CA CYS C 173 -33.21 7.81 15.55
C CYS C 173 -34.50 8.58 15.27
N GLU C 174 -35.53 8.26 16.04
CA GLU C 174 -36.81 8.95 16.01
C GLU C 174 -36.93 9.89 17.20
N PRO C 175 -36.68 11.19 16.97
CA PRO C 175 -36.72 12.20 18.02
C PRO C 175 -38.10 12.24 18.68
N PRO C 176 -38.16 12.74 19.93
CA PRO C 176 -39.40 12.79 20.72
C PRO C 176 -40.56 13.49 20.02
N GLY C 177 -41.71 12.83 19.98
CA GLY C 177 -42.89 13.38 19.35
C GLY C 177 -42.85 13.33 17.84
N SER C 178 -41.79 12.72 17.30
CA SER C 178 -41.59 12.70 15.87
C SER C 178 -41.90 11.35 15.25
N ALA C 179 -42.21 11.38 13.96
CA ALA C 179 -42.47 10.13 13.25
C ALA C 179 -41.37 9.84 12.26
N VAL C 180 -40.37 10.71 12.21
CA VAL C 180 -39.29 10.55 11.22
C VAL C 180 -38.11 9.77 11.80
N LEU C 181 -37.53 8.89 10.99
CA LEU C 181 -36.33 8.17 11.41
C LEU C 181 -35.13 8.83 10.74
N TYR C 182 -34.36 9.59 11.51
CA TYR C 182 -33.23 10.29 10.95
C TYR C 182 -32.02 9.42 11.09
N PRO C 183 -31.10 9.49 10.12
CA PRO C 183 -29.91 8.64 10.20
C PRO C 183 -28.83 9.23 11.10
N PHE C 184 -29.18 9.51 12.35
CA PHE C 184 -28.16 9.85 13.32
C PHE C 184 -28.31 9.10 14.64
N PHE C 185 -27.28 9.18 15.48
CA PHE C 185 -27.25 8.46 16.75
C PHE C 185 -27.22 9.44 17.90
N LEU C 186 -28.11 9.28 18.87
CA LEU C 186 -28.08 10.13 20.06
C LEU C 186 -27.46 9.41 21.23
N LEU C 187 -26.38 10.00 21.76
CA LEU C 187 -25.63 9.38 22.84
C LEU C 187 -26.24 9.90 24.11
N ASN C 188 -26.83 8.99 24.86
CA ASN C 188 -27.42 9.40 26.11
C ASN C 188 -27.29 8.38 27.24
N LYS C 189 -28.32 7.55 27.37
CA LYS C 189 -28.40 6.60 28.46
C LYS C 189 -27.38 5.48 28.26
N GLN C 190 -26.93 5.33 27.02
CA GLN C 190 -26.08 4.22 26.64
C GLN C 190 -24.58 4.50 26.81
N LYS C 191 -24.23 5.72 27.19
CA LYS C 191 -22.84 6.11 27.36
C LYS C 191 -22.17 5.32 28.48
N THR C 192 -22.83 5.27 29.63
CA THR C 192 -22.27 4.59 30.79
C THR C 192 -22.03 3.08 30.61
N PRO C 193 -23.03 2.34 30.13
CA PRO C 193 -22.77 0.91 29.84
C PRO C 193 -21.69 0.67 28.77
N ALA C 194 -21.67 1.48 27.72
CA ALA C 194 -20.67 1.34 26.65
C ALA C 194 -19.26 1.48 27.21
N PHE C 195 -19.06 2.49 28.04
CA PHE C 195 -17.77 2.78 28.64
C PHE C 195 -17.40 1.72 29.65
N GLU C 196 -18.36 1.35 30.48
CA GLU C 196 -18.13 0.34 31.51
C GLU C 196 -17.76 -0.99 30.87
N HIS C 197 -18.47 -1.37 29.80
CA HIS C 197 -18.15 -2.61 29.07
C HIS C 197 -16.77 -2.56 28.39
N PHE C 198 -16.45 -1.44 27.78
CA PHE C 198 -15.15 -1.26 27.11
C PHE C 198 -14.01 -1.45 28.08
N ILE C 199 -14.09 -0.79 29.22
CA ILE C 199 -13.06 -0.83 30.26
C ILE C 199 -12.76 -2.27 30.69
N LYS C 200 -13.80 -3.01 30.99
CA LYS C 200 -13.66 -4.42 31.36
C LYS C 200 -13.02 -5.24 30.24
N LYS C 201 -13.47 -5.03 29.00
CA LYS C 201 -12.93 -5.76 27.86
C LYS C 201 -11.49 -5.40 27.55
N PHE C 202 -11.20 -4.11 27.55
CA PHE C 202 -9.85 -3.60 27.27
C PHE C 202 -8.87 -4.14 28.30
N ASN C 203 -9.26 -4.06 29.56
CA ASN C 203 -8.37 -4.48 30.65
C ASN C 203 -8.06 -5.96 30.65
N SER C 204 -8.93 -6.78 30.05
CA SER C 204 -8.66 -8.22 30.05
C SER C 204 -7.96 -8.66 28.78
N GLY C 205 -7.58 -7.71 27.92
CA GLY C 205 -6.86 -8.01 26.68
C GLY C 205 -7.76 -8.29 25.48
N GLY C 206 -9.03 -7.86 25.58
CA GLY C 206 -10.05 -8.17 24.59
C GLY C 206 -10.30 -7.10 23.54
N VAL C 207 -9.62 -5.97 23.63
CA VAL C 207 -9.66 -5.04 22.50
C VAL C 207 -8.28 -4.74 21.95
N MET C 208 -8.17 -4.78 20.63
CA MET C 208 -6.88 -4.62 19.99
C MET C 208 -6.95 -3.83 18.67
N ALA C 209 -5.79 -3.56 18.10
CA ALA C 209 -5.72 -2.86 16.83
C ALA C 209 -5.19 -3.79 15.76
N SER C 210 -5.71 -3.65 14.54
CA SER C 210 -5.18 -4.40 13.42
C SER C 210 -3.74 -3.94 13.18
N GLN C 211 -2.86 -4.89 12.90
CA GLN C 211 -1.51 -4.58 12.46
C GLN C 211 -1.52 -3.70 11.21
N GLU C 212 -2.59 -3.81 10.41
CA GLU C 212 -2.70 -2.99 9.22
C GLU C 212 -3.85 -2.00 9.33
N ILE C 213 -3.95 -1.42 10.52
CA ILE C 213 -4.89 -0.34 10.79
C ILE C 213 -4.67 0.83 9.84
N VAL C 214 -5.76 1.45 9.44
CA VAL C 214 -5.78 2.52 8.45
C VAL C 214 -6.00 3.86 9.14
N SER C 215 -5.23 4.85 8.75
CA SER C 215 -5.48 6.23 9.17
C SER C 215 -4.87 7.22 8.17
N ALA C 216 -5.71 8.03 7.53
CA ALA C 216 -5.20 9.08 6.64
C ALA C 216 -4.76 10.31 7.42
N THR C 217 -5.50 10.64 8.47
CA THR C 217 -5.31 11.87 9.23
C THR C 217 -4.30 11.73 10.37
N VAL C 218 -4.10 10.51 10.86
CA VAL C 218 -3.08 10.33 11.89
C VAL C 218 -2.00 9.41 11.33
N ARG C 219 -1.11 9.98 10.53
CA ARG C 219 -0.05 9.16 9.94
C ARG C 219 1.36 9.72 9.94
N LEU C 220 1.53 11.02 9.70
CA LEU C 220 2.87 11.62 9.69
C LEU C 220 3.45 11.94 11.08
N GLN C 221 2.61 12.47 11.97
CA GLN C 221 3.07 12.96 13.28
C GLN C 221 3.18 11.89 14.37
N THR C 222 2.26 10.93 14.38
CA THR C 222 2.23 9.95 15.45
C THR C 222 1.59 8.62 15.04
N ASP C 223 1.93 7.55 15.76
CA ASP C 223 1.31 6.24 15.51
C ASP C 223 -0.13 6.35 15.99
N PRO C 224 -1.08 5.90 15.16
CA PRO C 224 -2.53 6.03 15.43
C PRO C 224 -2.94 5.27 16.69
N VAL C 225 -2.36 4.09 16.89
CA VAL C 225 -2.66 3.34 18.11
C VAL C 225 -2.12 4.05 19.35
N GLU C 226 -0.88 4.51 19.25
CA GLU C 226 -0.26 5.27 20.34
C GLU C 226 -1.09 6.52 20.63
N TYR C 227 -1.60 7.16 19.58
CA TYR C 227 -2.43 8.34 19.74
C TYR C 227 -3.78 8.08 20.42
N LEU C 228 -4.44 7.00 19.99
CA LEU C 228 -5.69 6.58 20.62
C LEU C 228 -5.44 6.28 22.09
N LEU C 229 -4.33 5.60 22.35
CA LEU C 229 -4.01 5.14 23.70
C LEU C 229 -3.79 6.35 24.63
N GLU C 230 -3.25 7.44 24.09
CA GLU C 230 -3.11 8.67 24.85
C GLU C 230 -4.48 9.25 25.23
N GLN C 231 -5.43 9.19 24.31
CA GLN C 231 -6.78 9.63 24.63
C GLN C 231 -7.45 8.69 25.66
N LEU C 232 -7.31 7.38 25.43
CA LEU C 232 -7.90 6.39 26.32
C LEU C 232 -7.40 6.57 27.76
N ASN C 233 -6.17 7.02 27.91
CA ASN C 233 -5.59 7.19 29.22
C ASN C 233 -6.03 8.46 29.96
N ASN C 234 -6.99 9.17 29.38
CA ASN C 234 -7.65 10.30 30.03
C ASN C 234 -8.96 9.91 30.71
N LEU C 235 -9.37 8.66 30.52
CA LEU C 235 -10.56 8.13 31.16
C LEU C 235 -10.43 8.17 32.68
N THR C 236 -11.48 8.61 33.36
CA THR C 236 -11.59 8.53 34.82
C THR C 236 -13.03 8.23 35.22
N GLU C 237 -13.20 7.48 36.31
CA GLU C 237 -14.54 7.06 36.76
C GLU C 237 -15.42 8.22 37.22
N THR C 238 -16.46 8.52 36.42
CA THR C 238 -17.38 9.61 36.73
C THR C 238 -18.85 9.21 36.62
N VAL C 239 -19.15 7.92 36.83
CA VAL C 239 -20.53 7.41 36.85
C VAL C 239 -20.60 6.02 37.47
N SER C 256 -9.87 16.78 24.31
CA SER C 256 -10.38 16.26 23.04
C SER C 256 -10.54 14.73 23.12
N ASP C 257 -11.79 14.25 23.12
CA ASP C 257 -12.05 12.83 23.30
C ASP C 257 -12.96 12.21 22.21
N ASP C 258 -13.06 12.89 21.08
CA ASP C 258 -13.85 12.45 19.93
C ASP C 258 -13.42 11.05 19.43
N LEU C 259 -12.13 10.75 19.48
CA LEU C 259 -11.60 9.46 19.01
C LEU C 259 -11.93 8.32 19.99
N MET C 260 -11.75 8.61 21.28
CA MET C 260 -12.02 7.68 22.35
C MET C 260 -13.52 7.32 22.36
N VAL C 261 -14.36 8.34 22.18
CA VAL C 261 -15.81 8.16 22.14
C VAL C 261 -16.18 7.32 20.94
N ALA C 262 -15.59 7.65 19.79
CA ALA C 262 -15.91 6.92 18.57
C ALA C 262 -15.55 5.44 18.70
N VAL C 263 -14.39 5.17 19.26
CA VAL C 263 -13.90 3.81 19.37
C VAL C 263 -14.73 3.02 20.37
N ILE C 264 -14.98 3.63 21.52
CA ILE C 264 -15.73 2.96 22.57
C ILE C 264 -17.16 2.67 22.12
N MET C 265 -17.77 3.64 21.44
CA MET C 265 -19.13 3.52 20.91
C MET C 265 -19.26 2.59 19.71
N ALA C 266 -18.25 2.55 18.86
CA ALA C 266 -18.26 1.56 17.76
C ALA C 266 -18.24 0.14 18.32
N ILE C 267 -17.39 -0.09 19.31
CA ILE C 267 -17.27 -1.39 19.96
C ILE C 267 -18.55 -1.82 20.68
N TYR C 268 -19.15 -0.88 21.40
CA TYR C 268 -20.42 -1.13 22.06
C TYR C 268 -21.52 -1.54 21.07
N LEU C 269 -21.58 -0.85 19.93
CA LEU C 269 -22.55 -1.19 18.90
C LEU C 269 -22.30 -2.57 18.34
N ALA C 270 -21.03 -2.90 18.12
CA ALA C 270 -20.64 -4.22 17.65
C ALA C 270 -21.00 -5.33 18.67
N ALA C 271 -21.01 -4.95 19.94
CA ALA C 271 -21.20 -5.93 21.01
C ALA C 271 -22.60 -6.59 21.07
N GLN C 272 -23.56 -6.12 20.27
CA GLN C 272 -24.82 -6.84 20.08
C GLN C 272 -25.06 -7.34 18.63
N ALA C 273 -24.98 -8.65 18.33
CA ALA C 273 -24.66 -9.79 19.22
C ALA C 273 -23.77 -10.83 18.48
N GLY C 274 -23.66 -12.05 19.02
CA GLY C 274 -22.87 -13.13 18.42
C GLY C 274 -23.24 -13.73 17.05
N PRO C 275 -22.27 -13.76 16.11
CA PRO C 275 -22.33 -13.86 14.64
C PRO C 275 -21.88 -15.22 13.98
N PRO C 276 -21.64 -15.26 12.64
CA PRO C 276 -20.89 -16.29 11.91
C PRO C 276 -19.50 -15.74 11.59
N HIS C 277 -18.71 -16.45 10.79
CA HIS C 277 -17.35 -15.99 10.51
C HIS C 277 -17.17 -15.62 9.01
N THR C 278 -16.20 -14.77 8.74
CA THR C 278 -15.78 -14.45 7.37
C THR C 278 -15.20 -15.68 6.69
N PHE C 279 -15.25 -15.75 5.37
CA PHE C 279 -14.66 -16.91 4.70
C PHE C 279 -13.16 -16.99 4.98
N ALA C 280 -12.60 -18.20 4.96
CA ALA C 280 -11.15 -18.35 5.02
C ALA C 280 -10.62 -18.35 3.59
N PRO C 281 -9.98 -17.24 3.16
CA PRO C 281 -9.30 -17.22 1.87
C PRO C 281 -7.81 -16.98 2.05
N ILE C 282 -7.38 -15.72 2.06
CA ILE C 282 -5.95 -15.42 2.19
C ILE C 282 -5.54 -15.47 3.65
N THR C 283 -4.88 -16.57 4.03
CA THR C 283 -4.34 -16.68 5.37
C THR C 283 -2.95 -17.30 5.39
N UNK D 1 -17.29 4.06 34.03
CA UNK D 1 -16.68 5.39 34.04
C UNK D 1 -17.45 6.38 33.17
N UNK D 2 -17.00 7.64 33.10
CA UNK D 2 -17.75 8.67 32.38
C UNK D 2 -17.03 9.94 31.87
N UNK D 3 -15.79 10.19 32.29
CA UNK D 3 -15.17 11.48 31.97
C UNK D 3 -13.72 11.48 31.44
N UNK D 4 -13.37 12.56 30.75
CA UNK D 4 -12.00 12.81 30.29
C UNK D 4 -11.54 14.20 30.74
N UNK D 5 -10.24 14.48 30.64
CA UNK D 5 -9.66 15.72 31.18
C UNK D 5 -10.16 17.00 30.49
N UNK D 6 -10.85 17.85 31.26
CA UNK D 6 -11.37 19.11 30.73
C UNK D 6 -10.26 20.16 30.62
C1 PGE E . 5.28 -23.87 -2.56
O1 PGE E . 6.11 -23.74 -3.67
C2 PGE E . 4.19 -22.91 -2.26
O2 PGE E . 4.15 -22.50 -0.95
C3 PGE E . 5.38 -22.31 -0.30
C4 PGE E . 6.07 -20.99 -0.46
O4 PGE E . 9.41 -22.28 -2.78
C6 PGE E . 8.43 -21.53 -2.16
C5 PGE E . 8.35 -21.59 -0.67
O3 PGE E . 7.36 -20.86 -0.02
C1 PEG F . -7.30 8.13 -26.42
O1 PEG F . -8.34 7.26 -26.70
C2 PEG F . -6.00 7.54 -25.98
O2 PEG F . -4.82 8.18 -26.31
C3 PEG F . -3.62 7.61 -25.97
C4 PEG F . -3.38 7.30 -24.53
O4 PEG F . -3.57 6.00 -24.10
O1 PG4 G . 6.17 -3.21 -31.27
C1 PG4 G . 6.90 -4.30 -30.84
C2 PG4 G . 6.11 -5.56 -30.76
O2 PG4 G . 6.81 -6.73 -30.56
C3 PG4 G . 6.14 -7.93 -30.72
C4 PG4 G . 6.83 -9.05 -31.42
O3 PG4 G . 7.49 -10.01 -30.66
C5 PG4 G . 7.66 -11.28 -31.16
C6 PG4 G . 6.66 -12.29 -30.72
O4 PG4 G . 6.64 -12.57 -29.38
C7 PG4 G . 5.46 -12.94 -28.76
C8 PG4 G . 5.56 -13.48 -27.39
O5 PG4 G . 6.56 -14.40 -27.12
C ACT H . -2.41 -19.12 -46.57
O ACT H . -2.57 -18.60 -47.71
OXT ACT H . -3.12 -18.67 -45.65
CH3 ACT H . -1.43 -20.22 -46.31
#